data_7VMA
#
_entry.id   7VMA
#
_cell.length_a   108.087
_cell.length_b   108.087
_cell.length_c   225.199
_cell.angle_alpha   90.000
_cell.angle_beta   90.000
_cell.angle_gamma   90.000
#
_symmetry.space_group_name_H-M   'I 41'
#
loop_
_entity.id
_entity.type
_entity.pdbx_description
1 polymer 'Amylo-alpha-1,6-glucosidase, putative archaeal type glycogen debranching enzyme (Gde)'
2 water water
#
_entity_poly.entity_id   1
_entity_poly.type   'polypeptide(L)'
_entity_poly.pdbx_seq_one_letter_code
;MRTILAGNGAFVLSDERGDMPSHYDGFYFLDTRFVRKARLEVSPEPDFIGASSTFTRAVSHFSLGERGILVRLRTLDGVY
EEKLSFYNTSEESLGVKVRYSYEAPIEDIFQVRGFMGLKSGKAIAPAGGTHVKESPSGRRSLSIETNMEREGSLLRAELE
IPPLGKAVLYVRFIPKIEGSISEILGEKRKTIKNVAFTGSPAIDGIFERAVENINALTLFTRFGPVPLAGIPYFACPFGR
DAIIASLFLLPYYPEYAAGTLRLFGRLQGKRTNPKNEEEPGKIPHEFRLGELAQSGKVPFAPYYGTVDATPLYVALAGEY
LRWTGDRKLIEELRPNLTAAVEWILKKLDDGYITYVPGILGNKGWKDSRDGIIDEEGKIPKPPIALVEVQGYTYWALKLA
GELSLTDLDEKTLLAEAEKLKKRFNRDFWLGSYYALALDGEGRPLRVVSSNMGHLLLTGIAEHEEELAERLFRPDMFSRY
GIRTLSAKEKAYNPFSYHRGSVWPHDNALIALGLARIGRTDMAKALMDAVFDAAKLLPERELPELYSGLNELVPVPRANS
PQAWSSASVFAFVTASLGMEAGDELTVRPAEGTSIVLRGVSFGGRRYVVVVNGGVSVEPL
;
_entity_poly.pdbx_strand_id   A,B
#
# COMPACT_ATOMS: atom_id res chain seq x y z
N MET A 1 1.64 28.10 -16.14
CA MET A 1 2.95 27.46 -16.11
C MET A 1 2.77 25.96 -16.03
N ARG A 2 3.79 25.22 -16.50
CA ARG A 2 4.00 23.83 -16.12
C ARG A 2 3.75 23.67 -14.62
N THR A 3 2.84 22.78 -14.24
CA THR A 3 2.84 22.26 -12.89
C THR A 3 3.03 20.77 -13.02
N ILE A 4 3.93 20.21 -12.23
CA ILE A 4 4.40 18.85 -12.42
C ILE A 4 4.26 18.11 -11.10
N LEU A 5 3.72 16.90 -11.16
CA LEU A 5 3.82 15.92 -10.10
C LEU A 5 4.72 14.80 -10.62
N ALA A 6 5.41 14.11 -9.71
CA ALA A 6 6.44 13.18 -10.12
C ALA A 6 6.94 12.41 -8.92
N GLY A 7 7.04 11.09 -9.05
CA GLY A 7 7.69 10.26 -8.07
C GLY A 7 7.93 8.85 -8.58
N ASN A 8 8.97 8.20 -8.07
CA ASN A 8 9.21 6.78 -8.28
C ASN A 8 9.10 6.38 -9.75
N GLY A 9 9.57 7.25 -10.64
CA GLY A 9 9.53 6.99 -12.06
C GLY A 9 8.26 7.42 -12.76
N ALA A 10 7.21 7.75 -12.02
CA ALA A 10 6.00 8.30 -12.60
C ALA A 10 6.07 9.82 -12.54
N PHE A 11 5.44 10.47 -13.52
CA PHE A 11 5.25 11.91 -13.43
C PHE A 11 4.02 12.32 -14.23
N VAL A 12 3.53 13.53 -13.93
CA VAL A 12 2.40 14.16 -14.61
C VAL A 12 2.83 15.57 -15.01
N LEU A 13 2.40 16.04 -16.18
CA LEU A 13 2.48 17.45 -16.48
C LEU A 13 1.09 17.91 -16.88
N SER A 14 0.86 19.22 -16.74
CA SER A 14 -0.49 19.74 -16.68
C SER A 14 -0.46 21.25 -16.89
N ASP A 15 -1.62 21.78 -17.23
CA ASP A 15 -1.88 23.17 -16.96
C ASP A 15 -2.02 23.33 -15.44
N GLU A 16 -2.23 24.55 -14.97
CA GLU A 16 -2.43 24.71 -13.53
C GLU A 16 -3.75 24.09 -13.06
N ARG A 17 -4.78 24.18 -13.89
CA ARG A 17 -6.06 23.56 -13.55
C ARG A 17 -5.96 22.03 -13.64
N GLY A 18 -4.74 21.51 -13.69
CA GLY A 18 -4.53 20.07 -13.78
C GLY A 18 -4.92 19.51 -15.13
N ASP A 19 -5.01 20.38 -16.13
CA ASP A 19 -5.39 19.97 -17.47
C ASP A 19 -4.17 19.49 -18.27
N MET A 20 -4.46 18.68 -19.27
CA MET A 20 -3.45 18.08 -20.10
C MET A 20 -3.62 18.50 -21.54
N PRO A 21 -3.56 19.80 -21.78
CA PRO A 21 -3.68 20.33 -23.12
C PRO A 21 -2.42 20.20 -23.96
N SER A 22 -1.68 21.28 -24.03
CA SER A 22 -0.46 21.35 -24.78
C SER A 22 0.15 19.99 -24.90
N HIS A 23 0.73 19.76 -26.07
CA HIS A 23 1.33 18.48 -26.44
C HIS A 23 1.98 17.69 -25.32
N TYR A 24 2.93 18.32 -24.63
CA TYR A 24 3.67 17.64 -23.57
C TYR A 24 2.95 17.50 -22.22
N ASP A 25 1.67 17.12 -22.21
CA ASP A 25 1.04 16.94 -20.90
C ASP A 25 0.42 15.56 -20.76
N GLY A 26 0.66 14.89 -19.64
CA GLY A 26 0.02 13.60 -19.45
C GLY A 26 0.57 12.83 -18.26
N PHE A 27 -0.01 11.64 -18.05
CA PHE A 27 0.39 10.76 -16.96
C PHE A 27 1.31 9.68 -17.51
N TYR A 28 2.55 9.64 -17.00
CA TYR A 28 3.59 8.78 -17.51
C TYR A 28 4.10 7.89 -16.38
N PHE A 29 4.57 6.70 -16.78
CA PHE A 29 5.16 5.79 -15.81
C PHE A 29 6.01 4.80 -16.62
N LEU A 30 7.26 4.64 -16.22
CA LEU A 30 8.24 3.80 -16.94
C LEU A 30 8.25 4.05 -18.44
N ASP A 31 8.37 5.33 -18.82
CA ASP A 31 8.53 5.72 -20.21
C ASP A 31 7.39 5.26 -21.09
N THR A 32 6.22 5.00 -20.54
CA THR A 32 5.03 4.75 -21.35
C THR A 32 3.95 5.73 -20.88
N ARG A 33 3.64 6.75 -21.70
CA ARG A 33 2.51 7.60 -21.32
C ARG A 33 1.26 6.74 -21.22
N PHE A 34 0.45 6.97 -20.18
CA PHE A 34 -0.76 6.20 -19.99
C PHE A 34 -2.03 6.98 -20.30
N VAL A 35 -2.10 8.23 -19.91
CA VAL A 35 -3.25 9.06 -20.20
C VAL A 35 -2.71 10.39 -20.72
N ARG A 36 -3.51 11.06 -21.55
CA ARG A 36 -3.22 12.44 -21.93
C ARG A 36 -4.53 13.09 -22.30
N LYS A 37 -4.42 14.33 -22.77
CA LYS A 37 -5.50 15.32 -22.68
C LYS A 37 -6.73 14.81 -21.93
N ALA A 38 -6.60 14.59 -20.62
CA ALA A 38 -7.76 14.58 -19.73
C ALA A 38 -8.43 15.95 -19.74
N ARG A 39 -9.76 15.99 -19.51
CA ARG A 39 -10.48 17.25 -19.33
C ARG A 39 -11.69 17.08 -18.41
N LEU A 40 -11.88 18.05 -17.53
CA LEU A 40 -13.04 18.12 -16.66
C LEU A 40 -14.03 19.17 -17.17
N GLU A 41 -15.27 18.73 -17.40
CA GLU A 41 -16.39 19.59 -17.75
C GLU A 41 -17.56 19.28 -16.82
N VAL A 42 -17.98 20.27 -16.04
CA VAL A 42 -19.14 20.15 -15.15
C VAL A 42 -19.89 21.47 -15.18
N SER A 43 -21.22 21.42 -15.27
CA SER A 43 -21.69 22.79 -15.22
C SER A 43 -22.52 23.01 -13.95
N PRO A 44 -22.61 24.26 -13.42
CA PRO A 44 -22.06 25.54 -13.93
C PRO A 44 -20.54 25.52 -14.04
N GLU A 45 -20.01 25.75 -15.26
CA GLU A 45 -18.58 25.50 -15.48
C GLU A 45 -17.74 26.56 -14.76
N PRO A 46 -16.72 26.14 -14.02
CA PRO A 46 -16.15 26.98 -12.96
C PRO A 46 -15.28 28.13 -13.46
N ASP A 47 -14.96 29.03 -12.52
CA ASP A 47 -14.12 30.21 -12.76
C ASP A 47 -12.96 30.20 -11.76
N PHE A 48 -11.79 29.77 -12.25
CA PHE A 48 -10.55 29.65 -11.46
C PHE A 48 -10.18 30.94 -10.72
N ILE A 49 -9.58 30.77 -9.52
CA ILE A 49 -9.16 31.88 -8.66
C ILE A 49 -7.73 31.74 -8.14
N GLY A 50 -7.27 30.53 -7.81
CA GLY A 50 -5.92 30.38 -7.30
C GLY A 50 -5.50 28.92 -7.16
N ALA A 51 -4.19 28.70 -6.97
CA ALA A 51 -3.63 27.34 -6.95
C ALA A 51 -2.40 27.21 -6.03
N SER A 52 -2.12 25.96 -5.60
CA SER A 52 -0.94 25.59 -4.81
C SER A 52 -0.52 24.16 -5.17
N SER A 53 0.78 23.89 -5.03
CA SER A 53 1.41 22.75 -5.71
C SER A 53 2.59 22.23 -4.92
N THR A 54 2.64 20.92 -4.69
CA THR A 54 3.88 20.28 -4.28
C THR A 54 4.44 19.48 -5.46
N PHE A 55 5.05 18.31 -5.19
CA PHE A 55 5.38 17.37 -6.25
C PHE A 55 4.67 16.03 -6.11
N THR A 56 4.02 15.74 -4.99
CA THR A 56 3.08 14.63 -4.96
C THR A 56 1.64 15.07 -4.78
N ARG A 57 1.35 16.38 -4.76
CA ARG A 57 -0.01 16.89 -4.55
C ARG A 57 -0.12 18.31 -5.06
N ALA A 58 -1.16 18.59 -5.85
CA ALA A 58 -1.48 19.94 -6.28
C ALA A 58 -2.97 20.20 -6.12
N VAL A 59 -3.31 21.43 -5.77
CA VAL A 59 -4.69 21.85 -5.59
C VAL A 59 -4.89 23.15 -6.35
N SER A 60 -5.98 23.24 -7.10
CA SER A 60 -6.44 24.51 -7.66
C SER A 60 -7.83 24.82 -7.12
N HIS A 61 -8.11 26.10 -6.91
CA HIS A 61 -9.32 26.61 -6.27
C HIS A 61 -10.17 27.34 -7.31
N PHE A 62 -11.47 27.03 -7.33
CA PHE A 62 -12.39 27.53 -8.36
C PHE A 62 -13.62 28.17 -7.72
N SER A 63 -13.97 29.37 -8.21
CA SER A 63 -15.28 29.98 -7.97
C SER A 63 -16.34 29.44 -8.94
N LEU A 64 -17.54 29.16 -8.43
CA LEU A 64 -18.64 28.59 -9.22
C LEU A 64 -19.82 29.54 -9.08
N GLY A 65 -19.75 30.67 -9.78
CA GLY A 65 -20.74 31.71 -9.53
C GLY A 65 -20.41 32.44 -8.24
N GLU A 66 -21.44 32.71 -7.42
CA GLU A 66 -21.26 33.18 -6.04
C GLU A 66 -21.78 32.19 -5.01
N ARG A 67 -22.55 31.18 -5.42
CA ARG A 67 -23.10 30.21 -4.50
C ARG A 67 -22.28 28.95 -4.45
N GLY A 68 -21.10 28.96 -5.04
CA GLY A 68 -20.35 27.73 -5.18
C GLY A 68 -18.86 27.98 -5.11
N ILE A 69 -18.13 26.89 -4.91
CA ILE A 69 -16.67 26.84 -4.87
C ILE A 69 -16.26 25.41 -5.23
N LEU A 70 -15.30 25.27 -6.12
CA LEU A 70 -14.71 23.99 -6.44
C LEU A 70 -13.29 23.93 -5.89
N VAL A 71 -12.88 22.75 -5.43
CA VAL A 71 -11.51 22.53 -5.02
C VAL A 71 -11.02 21.31 -5.78
N ARG A 72 -10.07 21.51 -6.70
CA ARG A 72 -9.48 20.40 -7.42
C ARG A 72 -8.22 19.95 -6.69
N LEU A 73 -8.03 18.64 -6.63
CA LEU A 73 -6.95 18.07 -5.82
C LEU A 73 -6.46 16.79 -6.48
N ARG A 74 -5.29 16.87 -7.12
CA ARG A 74 -4.70 15.77 -7.87
C ARG A 74 -3.49 15.20 -7.12
N THR A 75 -3.32 13.88 -7.17
CA THR A 75 -2.29 13.21 -6.36
C THR A 75 -1.58 12.10 -7.16
N LEU A 76 -0.35 11.81 -6.77
CA LEU A 76 0.39 10.76 -7.47
C LEU A 76 1.28 9.99 -6.49
N ASP A 77 0.90 8.73 -6.22
CA ASP A 77 1.77 7.77 -5.57
C ASP A 77 1.52 6.45 -6.30
N GLY A 78 2.22 6.27 -7.42
CA GLY A 78 2.01 5.11 -8.29
C GLY A 78 0.75 5.29 -9.11
N VAL A 79 -0.37 5.52 -8.41
CA VAL A 79 -1.67 5.77 -8.99
C VAL A 79 -1.82 7.26 -9.22
N TYR A 80 -2.45 7.65 -10.31
CA TYR A 80 -2.86 9.03 -10.45
C TYR A 80 -4.31 9.10 -10.05
N GLU A 81 -4.68 10.21 -9.39
CA GLU A 81 -6.02 10.35 -8.80
C GLU A 81 -6.42 11.81 -8.84
N GLU A 82 -7.65 12.05 -9.24
CA GLU A 82 -8.23 13.39 -9.19
C GLU A 82 -9.42 13.34 -8.27
N LYS A 83 -9.55 14.36 -7.43
CA LYS A 83 -10.68 14.51 -6.54
C LYS A 83 -11.28 15.89 -6.75
N LEU A 84 -12.56 15.92 -7.02
CA LEU A 84 -13.31 17.15 -7.23
C LEU A 84 -14.33 17.24 -6.11
N SER A 85 -14.09 18.18 -5.21
CA SER A 85 -14.98 18.47 -4.09
C SER A 85 -15.72 19.76 -4.40
N PHE A 86 -17.04 19.67 -4.39
CA PHE A 86 -17.91 20.79 -4.73
C PHE A 86 -18.56 21.33 -3.47
N TYR A 87 -18.39 22.63 -3.23
CA TYR A 87 -18.92 23.29 -2.04
C TYR A 87 -20.11 24.15 -2.44
N ASN A 88 -21.24 23.91 -1.77
CA ASN A 88 -22.39 24.80 -1.82
C ASN A 88 -22.22 25.89 -0.77
N THR A 89 -22.19 27.14 -1.22
CA THR A 89 -21.85 28.27 -0.36
C THR A 89 -23.05 29.08 0.09
N SER A 90 -24.14 29.06 -0.65
CA SER A 90 -25.35 29.76 -0.23
C SER A 90 -26.42 28.75 0.13
N GLU A 91 -27.40 29.23 0.91
CA GLU A 91 -28.39 28.38 1.58
C GLU A 91 -29.49 27.90 0.64
N GLU A 92 -29.25 27.90 -0.67
CA GLU A 92 -30.07 27.21 -1.65
C GLU A 92 -29.40 25.93 -2.09
N SER A 93 -30.21 24.91 -2.37
CA SER A 93 -29.71 23.69 -2.97
C SER A 93 -28.89 24.03 -4.19
N LEU A 94 -27.91 23.18 -4.50
CA LEU A 94 -27.02 23.42 -5.62
C LEU A 94 -26.99 22.17 -6.49
N GLY A 95 -27.12 22.36 -7.80
CA GLY A 95 -27.01 21.27 -8.75
C GLY A 95 -25.73 21.35 -9.54
N VAL A 96 -25.11 20.19 -9.73
CA VAL A 96 -23.97 20.05 -10.64
C VAL A 96 -24.18 18.78 -11.44
N LYS A 97 -23.75 18.79 -12.70
CA LYS A 97 -23.63 17.56 -13.48
C LYS A 97 -22.26 17.54 -14.14
N VAL A 98 -21.51 16.49 -13.83
CA VAL A 98 -20.12 16.33 -14.22
C VAL A 98 -20.05 15.38 -15.41
N ARG A 99 -19.04 15.57 -16.26
CA ARG A 99 -18.60 14.50 -17.16
C ARG A 99 -17.15 14.75 -17.58
N TYR A 100 -16.29 13.77 -17.33
CA TYR A 100 -14.83 13.90 -17.34
C TYR A 100 -14.28 13.20 -18.58
N SER A 101 -13.37 13.87 -19.29
CA SER A 101 -12.84 13.35 -20.56
C SER A 101 -11.37 12.94 -20.41
N TYR A 102 -11.08 11.67 -20.73
CA TYR A 102 -9.69 11.21 -20.76
C TYR A 102 -9.52 10.22 -21.91
N GLU A 103 -8.27 10.04 -22.33
CA GLU A 103 -7.91 9.24 -23.49
C GLU A 103 -6.62 8.52 -23.16
N ALA A 104 -6.59 7.21 -23.36
CA ALA A 104 -5.63 6.32 -22.71
C ALA A 104 -4.65 5.63 -23.67
N PRO A 105 -3.81 6.40 -24.40
CA PRO A 105 -2.83 5.71 -25.27
C PRO A 105 -1.71 5.13 -24.47
N ILE A 106 -1.73 3.82 -24.18
CA ILE A 106 -0.64 3.12 -23.50
C ILE A 106 0.63 3.17 -24.37
N GLU A 107 0.88 4.33 -24.98
CA GLU A 107 1.97 4.53 -25.90
C GLU A 107 3.30 4.71 -25.17
N ASP A 108 4.38 4.32 -25.85
CA ASP A 108 5.76 4.50 -25.39
C ASP A 108 6.21 5.95 -25.57
N ILE A 109 7.15 6.38 -24.71
CA ILE A 109 7.56 7.80 -24.62
C ILE A 109 8.20 8.31 -25.92
N PHE A 110 8.74 7.41 -26.75
CA PHE A 110 9.27 7.86 -28.03
C PHE A 110 8.14 8.24 -28.97
N GLN A 111 7.09 7.41 -29.03
CA GLN A 111 5.84 7.76 -29.72
C GLN A 111 5.38 9.18 -29.35
N VAL A 112 5.63 9.59 -28.11
CA VAL A 112 5.26 10.93 -27.68
C VAL A 112 6.03 11.97 -28.46
N ARG A 113 7.33 11.77 -28.57
CA ARG A 113 8.19 12.90 -28.86
C ARG A 113 8.46 13.13 -30.34
N GLY A 114 7.96 12.27 -31.22
CA GLY A 114 8.35 12.41 -32.59
C GLY A 114 9.77 11.98 -32.85
N PHE A 115 10.37 11.27 -31.91
CA PHE A 115 11.47 10.34 -32.18
C PHE A 115 11.10 9.46 -33.36
N MET A 116 12.09 9.21 -34.24
CA MET A 116 11.95 8.34 -35.42
C MET A 116 10.71 8.64 -36.26
N GLY A 117 10.10 9.82 -36.07
CA GLY A 117 8.78 10.10 -36.60
C GLY A 117 7.68 9.18 -36.14
N LEU A 118 7.71 8.74 -34.88
CA LEU A 118 6.86 7.64 -34.42
C LEU A 118 5.41 8.09 -34.23
N LYS A 119 4.51 7.14 -34.45
CA LYS A 119 3.07 7.38 -34.33
C LYS A 119 2.70 7.76 -32.90
N SER A 120 1.63 8.56 -32.76
CA SER A 120 0.91 8.55 -31.50
C SER A 120 0.12 7.25 -31.37
N GLY A 121 -0.14 6.86 -30.12
CA GLY A 121 -0.94 5.69 -29.86
C GLY A 121 -2.44 5.99 -29.86
N LYS A 122 -3.21 4.98 -30.25
CA LYS A 122 -4.66 5.11 -30.27
C LYS A 122 -5.22 4.96 -28.87
N ALA A 123 -6.24 5.77 -28.56
CA ALA A 123 -7.11 5.50 -27.44
C ALA A 123 -7.60 4.06 -27.50
N ILE A 124 -7.48 3.34 -26.38
CA ILE A 124 -7.64 1.88 -26.41
C ILE A 124 -8.99 1.44 -25.82
N ALA A 125 -9.80 2.37 -25.27
CA ALA A 125 -11.20 2.27 -24.85
C ALA A 125 -11.48 1.02 -24.00
N PRO A 126 -11.92 1.20 -22.76
CA PRO A 126 -11.73 0.18 -21.74
C PRO A 126 -12.78 -0.93 -21.75
N ALA A 127 -12.33 -2.09 -21.27
CA ALA A 127 -13.09 -3.33 -21.26
C ALA A 127 -13.40 -3.65 -19.80
N GLY A 128 -14.58 -3.19 -19.35
CA GLY A 128 -14.86 -3.21 -17.92
C GLY A 128 -14.00 -2.25 -17.13
N GLY A 129 -13.72 -1.08 -17.69
CA GLY A 129 -12.86 -0.10 -17.05
C GLY A 129 -11.41 -0.45 -17.04
N THR A 130 -10.98 -1.46 -17.80
CA THR A 130 -9.61 -1.94 -17.79
C THR A 130 -9.11 -2.01 -19.23
N HIS A 131 -8.19 -1.09 -19.59
CA HIS A 131 -7.47 -1.15 -20.86
C HIS A 131 -6.19 -2.00 -20.75
N VAL A 132 -5.96 -2.88 -21.74
CA VAL A 132 -4.73 -3.66 -21.83
C VAL A 132 -4.11 -3.52 -23.23
N LYS A 133 -2.80 -3.31 -23.29
CA LYS A 133 -2.04 -3.36 -24.55
C LYS A 133 -0.90 -4.35 -24.39
N GLU A 134 -0.82 -5.31 -25.31
CA GLU A 134 0.13 -6.40 -25.21
C GLU A 134 1.40 -6.13 -26.02
N SER A 135 2.52 -6.64 -25.51
CA SER A 135 3.80 -6.62 -26.21
C SER A 135 4.62 -7.76 -25.63
N PRO A 136 5.51 -8.37 -26.42
CA PRO A 136 6.21 -9.56 -25.93
C PRO A 136 7.05 -9.31 -24.69
N SER A 137 7.47 -8.06 -24.44
CA SER A 137 8.13 -7.75 -23.17
C SER A 137 7.18 -7.99 -21.99
N GLY A 138 5.90 -7.66 -22.18
CA GLY A 138 4.91 -7.90 -21.15
C GLY A 138 3.58 -7.25 -21.49
N ARG A 139 2.59 -7.58 -20.64
CA ARG A 139 1.26 -6.98 -20.67
C ARG A 139 1.32 -5.58 -20.06
N ARG A 140 0.68 -4.62 -20.73
CA ARG A 140 0.70 -3.20 -20.35
C ARG A 140 -0.71 -2.72 -20.01
N SER A 141 -1.09 -2.69 -18.73
CA SER A 141 -2.48 -2.49 -18.35
C SER A 141 -2.73 -1.18 -17.61
N LEU A 142 -3.84 -0.51 -17.98
CA LEU A 142 -4.37 0.65 -17.27
C LEU A 142 -5.76 0.33 -16.70
N SER A 143 -5.90 0.41 -15.36
CA SER A 143 -7.17 0.18 -14.69
C SER A 143 -7.72 1.49 -14.14
N ILE A 144 -9.04 1.66 -14.21
CA ILE A 144 -9.70 2.88 -13.75
C ILE A 144 -10.78 2.51 -12.74
N GLU A 145 -10.64 2.99 -11.51
CA GLU A 145 -11.68 2.88 -10.49
C GLU A 145 -12.39 4.22 -10.37
N THR A 146 -13.72 4.23 -10.50
CA THR A 146 -14.43 5.51 -10.49
C THR A 146 -15.85 5.37 -9.98
N ASN A 147 -16.33 6.53 -9.49
CA ASN A 147 -17.65 6.68 -8.93
C ASN A 147 -18.52 7.54 -9.81
N MET A 148 -18.14 7.64 -11.07
CA MET A 148 -18.88 8.29 -12.14
C MET A 148 -19.47 7.17 -13.03
N GLU A 149 -20.75 7.33 -13.39
CA GLU A 149 -21.32 6.51 -14.45
C GLU A 149 -20.44 6.69 -15.68
N ARG A 150 -19.68 5.64 -16.02
CA ARG A 150 -18.69 5.73 -17.08
C ARG A 150 -19.28 5.19 -18.38
N GLU A 151 -19.11 5.95 -19.45
CA GLU A 151 -19.65 5.63 -20.77
C GLU A 151 -18.46 5.53 -21.73
N GLY A 152 -17.88 4.32 -21.77
CA GLY A 152 -16.69 4.08 -22.56
C GLY A 152 -15.46 4.72 -21.94
N SER A 153 -14.94 5.77 -22.58
CA SER A 153 -13.83 6.58 -22.07
C SER A 153 -14.28 7.99 -21.64
N LEU A 154 -15.54 8.15 -21.22
CA LEU A 154 -16.02 9.42 -20.64
C LEU A 154 -16.87 9.11 -19.42
N LEU A 155 -16.46 9.67 -18.27
CA LEU A 155 -17.14 9.50 -16.99
C LEU A 155 -18.19 10.59 -16.79
N ARG A 156 -19.32 10.23 -16.17
CA ARG A 156 -20.45 11.15 -16.01
C ARG A 156 -20.92 11.18 -14.56
N ALA A 157 -21.47 12.32 -14.12
CA ALA A 157 -22.21 12.32 -12.85
C ALA A 157 -23.00 13.61 -12.70
N GLU A 158 -24.10 13.51 -11.95
CA GLU A 158 -24.87 14.66 -11.48
C GLU A 158 -25.48 14.32 -10.13
N LEU A 159 -25.44 15.26 -9.20
CA LEU A 159 -26.25 15.20 -8.00
C LEU A 159 -26.29 16.60 -7.43
N GLU A 160 -27.33 16.90 -6.68
CA GLU A 160 -27.53 18.23 -6.14
C GLU A 160 -27.07 18.24 -4.68
N ILE A 161 -26.39 19.31 -4.31
CA ILE A 161 -25.77 19.44 -2.99
C ILE A 161 -26.69 20.28 -2.11
N PRO A 162 -27.11 19.77 -0.96
CA PRO A 162 -27.91 20.59 -0.04
C PRO A 162 -27.19 21.90 0.29
N PRO A 163 -27.94 22.91 0.74
CA PRO A 163 -27.30 24.17 1.19
C PRO A 163 -26.20 23.91 2.22
N LEU A 164 -25.07 24.61 2.05
CA LEU A 164 -23.88 24.43 2.90
C LEU A 164 -23.40 22.98 2.94
N GLY A 165 -23.87 22.16 2.00
CA GLY A 165 -23.35 20.83 1.83
C GLY A 165 -22.22 20.80 0.84
N LYS A 166 -21.67 19.60 0.63
CA LYS A 166 -20.58 19.40 -0.31
C LYS A 166 -20.68 18.02 -0.94
N ALA A 167 -20.08 17.89 -2.14
CA ALA A 167 -20.03 16.63 -2.88
C ALA A 167 -18.65 16.38 -3.48
N VAL A 168 -18.19 15.11 -3.38
CA VAL A 168 -16.85 14.64 -3.76
C VAL A 168 -16.97 13.53 -4.80
N LEU A 169 -16.20 13.63 -5.90
CA LEU A 169 -16.22 12.60 -6.95
C LEU A 169 -14.80 12.25 -7.38
N TYR A 170 -14.43 10.98 -7.18
CA TYR A 170 -13.08 10.49 -7.43
C TYR A 170 -12.87 10.05 -8.89
N VAL A 171 -11.60 9.82 -9.23
CA VAL A 171 -11.21 9.04 -10.42
C VAL A 171 -9.76 8.64 -10.23
N ARG A 172 -9.42 7.39 -10.53
CA ARG A 172 -8.08 6.86 -10.27
C ARG A 172 -7.60 6.01 -11.43
N PHE A 173 -6.56 6.48 -12.11
CA PHE A 173 -5.93 5.73 -13.20
C PHE A 173 -4.86 4.83 -12.63
N ILE A 174 -5.18 3.57 -12.36
CA ILE A 174 -4.23 2.62 -11.75
C ILE A 174 -3.41 1.99 -12.86
N PRO A 175 -2.11 2.33 -13.00
CA PRO A 175 -1.28 1.71 -14.04
C PRO A 175 -0.50 0.52 -13.52
N LYS A 176 -0.51 -0.62 -14.22
CA LYS A 176 0.26 -1.76 -13.73
C LYS A 176 0.84 -2.54 -14.90
N ILE A 177 2.15 -2.83 -14.79
CA ILE A 177 2.99 -3.27 -15.88
C ILE A 177 3.77 -4.50 -15.44
N GLU A 178 3.68 -5.58 -16.20
CA GLU A 178 4.47 -6.77 -15.89
C GLU A 178 5.32 -7.21 -17.07
N GLY A 179 6.40 -7.91 -16.73
CA GLY A 179 7.32 -8.39 -17.73
C GLY A 179 8.77 -8.27 -17.34
N SER A 180 9.59 -7.82 -18.29
CA SER A 180 11.04 -7.77 -18.11
C SER A 180 11.46 -6.68 -17.13
N ILE A 181 10.49 -6.02 -16.48
CA ILE A 181 10.75 -4.67 -16.04
C ILE A 181 10.73 -4.47 -14.52
N SER A 182 9.89 -5.20 -13.78
CA SER A 182 9.90 -5.11 -12.32
C SER A 182 10.84 -6.12 -11.67
N GLU A 183 11.67 -6.81 -12.46
CA GLU A 183 12.96 -7.30 -11.98
C GLU A 183 13.85 -6.16 -11.49
N ILE A 184 13.54 -4.91 -11.87
CA ILE A 184 14.36 -3.76 -11.48
C ILE A 184 13.90 -3.15 -10.14
N LEU A 185 12.60 -3.06 -9.88
CA LEU A 185 12.09 -2.17 -8.83
C LEU A 185 12.38 -2.70 -7.42
N GLY A 186 12.74 -1.79 -6.52
CA GLY A 186 12.80 -2.06 -5.09
C GLY A 186 11.62 -1.41 -4.42
N GLU A 187 11.17 -1.98 -3.30
CA GLU A 187 10.01 -1.42 -2.62
C GLU A 187 10.39 -0.39 -1.58
N LYS A 188 11.68 -0.27 -1.24
CA LYS A 188 12.21 0.91 -0.56
C LYS A 188 11.61 2.18 -1.18
N ARG A 189 11.26 3.17 -0.32
CA ARG A 189 10.66 4.37 -0.91
C ARG A 189 10.89 5.69 -0.15
N LYS A 190 11.84 5.78 0.79
CA LYS A 190 11.84 6.94 1.70
C LYS A 190 12.63 8.14 1.16
N THR A 191 12.19 9.34 1.54
CA THR A 191 12.61 10.58 0.89
C THR A 191 13.71 11.29 1.67
N ILE A 192 14.66 11.88 0.95
CA ILE A 192 15.77 12.59 1.57
C ILE A 192 15.28 13.93 2.12
N LYS A 193 16.09 14.51 3.01
CA LYS A 193 15.82 15.85 3.53
C LYS A 193 17.04 16.74 3.32
N ASN A 194 16.79 18.01 2.98
CA ASN A 194 17.86 18.96 2.67
C ASN A 194 18.86 19.06 3.81
N VAL A 195 20.10 19.37 3.45
CA VAL A 195 21.17 19.39 4.45
C VAL A 195 21.95 20.70 4.40
N ALA A 196 21.70 21.54 3.39
CA ALA A 196 22.32 22.87 3.32
C ALA A 196 21.39 23.95 3.89
N PHE A 197 21.96 24.84 4.72
CA PHE A 197 21.18 25.83 5.45
C PHE A 197 22.08 27.05 5.59
N THR A 198 21.89 28.04 4.72
CA THR A 198 22.79 29.18 4.68
C THR A 198 22.21 30.44 5.32
N GLY A 199 20.96 30.40 5.77
CA GLY A 199 20.40 31.52 6.52
C GLY A 199 20.11 32.74 5.69
N SER A 200 19.84 32.55 4.40
CA SER A 200 19.28 33.59 3.55
C SER A 200 18.09 32.96 2.83
N PRO A 201 16.91 33.60 2.89
CA PRO A 201 15.73 32.90 2.39
C PRO A 201 15.82 32.67 0.92
N ALA A 202 16.47 33.58 0.19
CA ALA A 202 16.56 33.38 -1.24
C ALA A 202 17.38 32.15 -1.53
N ILE A 203 18.42 31.91 -0.72
CA ILE A 203 19.35 30.85 -1.06
C ILE A 203 18.80 29.50 -0.59
N ASP A 204 18.42 29.39 0.69
CA ASP A 204 17.86 28.13 1.19
C ASP A 204 16.69 27.61 0.33
N GLY A 205 15.95 28.49 -0.33
CA GLY A 205 14.91 28.03 -1.23
C GLY A 205 15.45 27.31 -2.46
N ILE A 206 16.73 27.52 -2.77
CA ILE A 206 17.39 26.75 -3.82
C ILE A 206 17.63 25.32 -3.35
N PHE A 207 18.35 25.16 -2.24
CA PHE A 207 18.65 23.82 -1.73
C PHE A 207 17.39 23.00 -1.48
N GLU A 208 16.38 23.58 -0.83
CA GLU A 208 15.18 22.81 -0.52
C GLU A 208 14.46 22.41 -1.80
N ARG A 209 14.47 23.29 -2.82
CA ARG A 209 13.87 22.90 -4.10
C ARG A 209 14.75 21.88 -4.81
N ALA A 210 16.07 22.07 -4.76
CA ALA A 210 17.01 21.01 -5.17
C ALA A 210 16.60 19.67 -4.60
N VAL A 211 16.28 19.62 -3.31
CA VAL A 211 15.99 18.34 -2.69
C VAL A 211 14.61 17.81 -3.07
N GLU A 212 13.63 18.67 -3.27
CA GLU A 212 12.36 18.09 -3.70
C GLU A 212 12.40 17.73 -5.18
N ASN A 213 13.22 18.44 -5.96
CA ASN A 213 13.57 18.00 -7.31
C ASN A 213 14.16 16.59 -7.30
N ILE A 214 15.16 16.35 -6.44
CA ILE A 214 15.81 15.04 -6.43
C ILE A 214 14.83 13.92 -6.04
N ASN A 215 13.91 14.18 -5.11
CA ASN A 215 12.96 13.15 -4.71
C ASN A 215 12.01 12.80 -5.85
N ALA A 216 11.47 13.81 -6.54
CA ALA A 216 10.54 13.53 -7.62
C ALA A 216 11.20 12.78 -8.77
N LEU A 217 12.53 12.83 -8.86
CA LEU A 217 13.30 12.16 -9.91
C LEU A 217 14.03 10.91 -9.42
N THR A 218 13.59 10.32 -8.33
CA THR A 218 14.20 9.10 -7.82
C THR A 218 13.35 7.88 -8.17
N LEU A 219 13.99 6.85 -8.71
CA LEU A 219 13.40 5.54 -8.91
C LEU A 219 14.08 4.57 -7.97
N PHE A 220 13.29 3.71 -7.32
CA PHE A 220 13.81 2.81 -6.29
C PHE A 220 13.99 1.43 -6.88
N THR A 221 15.24 0.97 -7.02
CA THR A 221 15.52 -0.29 -7.69
C THR A 221 15.95 -1.38 -6.71
N ARG A 222 16.07 -2.59 -7.27
CA ARG A 222 16.58 -3.75 -6.55
C ARG A 222 17.95 -3.47 -5.95
N PHE A 223 18.78 -2.74 -6.69
CA PHE A 223 20.16 -2.48 -6.35
C PHE A 223 20.34 -1.26 -5.45
N GLY A 224 19.34 -0.39 -5.40
CA GLY A 224 19.38 0.81 -4.61
C GLY A 224 18.51 1.88 -5.25
N PRO A 225 18.55 3.09 -4.72
CA PRO A 225 17.80 4.18 -5.38
C PRO A 225 18.65 4.80 -6.46
N VAL A 226 18.10 5.05 -7.64
CA VAL A 226 18.94 5.61 -8.72
C VAL A 226 18.26 6.84 -9.32
N PRO A 227 19.03 7.86 -9.71
CA PRO A 227 18.44 9.08 -10.30
C PRO A 227 17.93 8.89 -11.73
N LEU A 228 16.66 9.26 -11.94
CA LEU A 228 16.19 9.49 -13.31
C LEU A 228 16.70 10.84 -13.82
N ALA A 229 16.77 10.97 -15.15
CA ALA A 229 17.44 12.13 -15.76
C ALA A 229 16.58 13.40 -15.74
N GLY A 230 15.47 13.45 -16.50
CA GLY A 230 14.78 14.71 -16.73
C GLY A 230 13.32 14.55 -17.08
N ILE A 231 12.52 15.60 -16.82
CA ILE A 231 11.07 15.36 -16.76
C ILE A 231 10.32 15.57 -18.09
N PRO A 232 10.59 16.58 -18.92
CA PRO A 232 9.87 16.57 -20.20
C PRO A 232 10.24 15.34 -21.05
N TYR A 233 11.52 15.16 -21.44
CA TYR A 233 11.90 14.14 -22.42
C TYR A 233 12.71 12.96 -21.88
N PHE A 234 13.24 13.01 -20.66
CA PHE A 234 14.28 12.06 -20.22
C PHE A 234 13.89 11.32 -18.95
N ALA A 235 12.66 10.83 -18.89
CA ALA A 235 12.16 10.31 -17.62
C ALA A 235 12.61 8.88 -17.34
N CYS A 236 13.89 8.57 -17.55
CA CYS A 236 14.38 7.21 -17.33
C CYS A 236 15.85 7.28 -16.97
N PRO A 237 16.41 6.19 -16.43
CA PRO A 237 17.85 6.18 -16.12
C PRO A 237 18.78 6.43 -17.31
N PHE A 238 19.40 7.60 -17.34
CA PHE A 238 20.61 7.74 -18.13
C PHE A 238 21.79 7.41 -17.24
N GLY A 239 22.91 7.06 -17.87
CA GLY A 239 24.12 6.72 -17.16
C GLY A 239 25.01 7.91 -16.86
N ARG A 240 25.19 8.80 -17.83
CA ARG A 240 25.99 9.99 -17.57
C ARG A 240 25.27 10.90 -16.58
N ASP A 241 23.98 11.11 -16.79
CA ASP A 241 23.18 11.90 -15.86
C ASP A 241 23.16 11.27 -14.47
N ALA A 242 23.00 9.96 -14.39
CA ALA A 242 22.86 9.35 -13.07
C ALA A 242 24.17 9.20 -12.32
N ILE A 243 25.31 9.22 -13.02
CA ILE A 243 26.63 9.10 -12.41
C ILE A 243 27.13 10.44 -11.94
N ILE A 244 27.10 11.42 -12.85
CA ILE A 244 27.52 12.77 -12.53
C ILE A 244 26.79 13.28 -11.30
N ALA A 245 25.46 13.28 -11.35
CA ALA A 245 24.65 13.77 -10.26
C ALA A 245 24.88 12.98 -8.97
N SER A 246 25.12 11.66 -9.06
CA SER A 246 25.54 10.90 -7.88
C SER A 246 26.84 11.45 -7.28
N LEU A 247 27.74 11.95 -8.13
CA LEU A 247 29.03 12.47 -7.65
C LEU A 247 28.83 13.80 -6.93
N PHE A 248 27.98 14.66 -7.51
CA PHE A 248 27.51 15.84 -6.82
C PHE A 248 26.91 15.48 -5.46
N LEU A 249 26.01 14.50 -5.44
CA LEU A 249 25.36 14.10 -4.20
C LEU A 249 26.17 13.07 -3.45
N LEU A 250 27.45 12.93 -3.80
CA LEU A 250 28.29 11.97 -3.10
C LEU A 250 28.62 12.41 -1.67
N PRO A 251 28.96 13.67 -1.39
CA PRO A 251 29.28 14.06 -0.02
C PRO A 251 28.08 14.29 0.87
N TYR A 252 26.87 14.00 0.40
CA TYR A 252 25.68 14.30 1.18
C TYR A 252 24.70 13.13 1.19
N TYR A 253 24.44 12.58 0.01
CA TYR A 253 23.56 11.43 -0.16
C TYR A 253 24.27 10.35 -0.97
N PRO A 254 25.24 9.67 -0.36
CA PRO A 254 25.97 8.64 -1.12
C PRO A 254 25.08 7.51 -1.64
N GLU A 255 24.01 7.16 -0.92
CA GLU A 255 23.10 6.10 -1.33
C GLU A 255 22.72 6.19 -2.82
N TYR A 256 22.88 7.36 -3.46
CA TYR A 256 22.50 7.54 -4.86
C TYR A 256 23.62 7.13 -5.81
N ALA A 257 24.86 7.25 -5.38
CA ALA A 257 25.97 6.67 -6.13
C ALA A 257 25.95 5.15 -6.03
N ALA A 258 25.70 4.62 -4.83
CA ALA A 258 25.75 3.18 -4.65
C ALA A 258 24.65 2.45 -5.41
N GLY A 259 23.60 3.15 -5.85
CA GLY A 259 22.60 2.49 -6.66
C GLY A 259 22.97 2.53 -8.13
N THR A 260 23.51 3.68 -8.55
CA THR A 260 23.96 3.84 -9.92
C THR A 260 25.10 2.87 -10.25
N LEU A 261 26.07 2.76 -9.35
CA LEU A 261 27.10 1.76 -9.52
C LEU A 261 26.51 0.35 -9.58
N ARG A 262 25.64 0.00 -8.63
CA ARG A 262 25.07 -1.35 -8.60
C ARG A 262 24.16 -1.61 -9.80
N LEU A 263 23.37 -0.62 -10.23
CA LEU A 263 22.50 -0.83 -11.39
C LEU A 263 23.32 -1.00 -12.67
N PHE A 264 24.10 0.00 -13.03
CA PHE A 264 24.94 -0.13 -14.23
C PHE A 264 26.06 -1.14 -14.08
N GLY A 265 26.22 -1.73 -12.89
CA GLY A 265 27.08 -2.91 -12.77
C GLY A 265 26.50 -4.12 -13.50
N ARG A 266 25.17 -4.29 -13.42
CA ARG A 266 24.47 -5.40 -14.06
C ARG A 266 24.09 -5.09 -15.50
N LEU A 267 23.91 -3.81 -15.82
CA LEU A 267 23.59 -3.46 -17.19
C LEU A 267 24.82 -3.18 -18.03
N GLN A 268 26.00 -3.38 -17.48
CA GLN A 268 27.21 -3.34 -18.27
C GLN A 268 27.04 -4.18 -19.53
N GLY A 269 27.75 -3.77 -20.58
CA GLY A 269 27.77 -4.56 -21.80
C GLY A 269 28.58 -5.83 -21.59
N LYS A 270 28.00 -6.96 -22.00
CA LYS A 270 28.71 -8.24 -21.97
C LYS A 270 29.13 -8.72 -23.37
N ARG A 271 28.72 -8.04 -24.44
CA ARG A 271 28.92 -8.49 -25.81
C ARG A 271 29.21 -7.30 -26.74
N THR A 272 29.60 -7.61 -27.98
CA THR A 272 29.66 -6.61 -29.04
C THR A 272 28.41 -6.77 -29.90
N ASN A 273 27.79 -5.65 -30.25
CA ASN A 273 26.53 -5.63 -30.97
C ASN A 273 26.30 -4.25 -31.56
N PRO A 274 26.38 -4.10 -32.88
CA PRO A 274 26.15 -2.78 -33.48
C PRO A 274 24.70 -2.29 -33.45
N LYS A 275 23.71 -3.03 -32.95
CA LYS A 275 22.36 -2.43 -32.90
C LYS A 275 22.30 -1.36 -31.84
N ASN A 276 22.75 -1.74 -30.64
CA ASN A 276 22.68 -0.97 -29.41
C ASN A 276 24.02 -0.31 -29.05
N GLU A 277 25.00 -0.29 -29.98
CA GLU A 277 26.37 0.19 -29.72
C GLU A 277 27.05 -0.50 -28.52
N GLU A 278 26.59 -1.71 -28.16
CA GLU A 278 27.20 -2.44 -27.06
C GLU A 278 28.66 -2.77 -27.38
N GLU A 279 29.45 -2.93 -26.33
CA GLU A 279 30.78 -3.51 -26.41
C GLU A 279 31.03 -4.19 -25.09
N PRO A 280 31.87 -5.23 -25.05
CA PRO A 280 32.21 -5.86 -23.76
C PRO A 280 32.86 -4.86 -22.82
N GLY A 281 32.19 -4.63 -21.67
CA GLY A 281 32.66 -3.74 -20.62
C GLY A 281 32.01 -2.36 -20.62
N LYS A 282 31.57 -1.87 -21.78
CA LYS A 282 30.95 -0.57 -21.93
C LYS A 282 29.76 -0.41 -20.97
N ILE A 283 29.45 0.85 -20.65
CA ILE A 283 28.35 1.21 -19.75
C ILE A 283 27.38 2.04 -20.52
N PRO A 284 26.07 1.74 -20.42
CA PRO A 284 25.06 2.30 -21.33
C PRO A 284 24.87 3.80 -21.22
N HIS A 285 24.21 4.37 -22.25
CA HIS A 285 23.73 5.75 -22.24
C HIS A 285 22.38 5.85 -21.54
N GLU A 286 21.35 5.17 -22.08
CA GLU A 286 20.03 5.19 -21.47
C GLU A 286 19.46 3.78 -21.51
N PHE A 287 18.41 3.56 -20.72
CA PHE A 287 17.85 2.22 -20.45
C PHE A 287 16.34 2.36 -20.19
N ARG A 288 15.58 2.69 -21.23
CA ARG A 288 14.13 2.88 -21.05
C ARG A 288 13.46 1.57 -20.65
N LEU A 289 12.27 1.71 -20.05
CA LEU A 289 11.49 0.57 -19.61
C LEU A 289 10.12 0.52 -20.30
N GLY A 290 10.01 1.14 -21.50
CA GLY A 290 8.78 1.07 -22.28
C GLY A 290 8.63 -0.26 -23.03
N GLU A 291 7.43 -0.47 -23.59
CA GLU A 291 7.23 -1.69 -24.37
C GLU A 291 8.19 -1.75 -25.54
N LEU A 292 8.57 -0.57 -26.06
CA LEU A 292 9.43 -0.49 -27.24
C LEU A 292 10.84 -0.97 -26.93
N ALA A 293 11.42 -0.51 -25.83
CA ALA A 293 12.80 -0.84 -25.55
C ALA A 293 12.98 -2.30 -25.13
N GLN A 294 12.00 -2.89 -24.43
CA GLN A 294 12.20 -4.21 -23.85
C GLN A 294 11.95 -5.36 -24.82
N SER A 295 11.14 -5.12 -25.88
CA SER A 295 10.91 -6.06 -26.98
C SER A 295 11.81 -5.79 -28.19
N GLY A 296 12.86 -4.98 -28.02
CA GLY A 296 13.85 -4.74 -29.05
C GLY A 296 13.42 -3.87 -30.20
N LYS A 297 12.23 -3.25 -30.15
CA LYS A 297 11.76 -2.38 -31.23
C LYS A 297 12.62 -1.12 -31.38
N VAL A 298 13.17 -0.59 -30.29
CA VAL A 298 14.26 0.37 -30.41
C VAL A 298 15.41 -0.10 -29.53
N PRO A 299 16.66 0.12 -29.92
CA PRO A 299 17.79 -0.56 -29.27
C PRO A 299 18.15 -0.03 -27.90
N PHE A 300 17.28 0.81 -27.31
CA PHE A 300 17.59 1.53 -26.08
C PHE A 300 17.12 0.77 -24.84
N ALA A 301 17.71 -0.40 -24.59
CA ALA A 301 17.43 -1.08 -23.33
C ALA A 301 18.43 -2.19 -23.02
N PRO A 302 19.71 -1.86 -22.79
CA PRO A 302 20.26 -0.51 -22.80
C PRO A 302 20.84 -0.07 -24.15
N TYR A 303 20.68 1.20 -24.51
CA TYR A 303 21.48 1.81 -25.58
C TYR A 303 22.84 2.19 -25.02
N TYR A 304 23.89 1.98 -25.82
CA TYR A 304 25.27 2.27 -25.44
C TYR A 304 25.85 3.39 -26.30
N GLY A 305 25.04 4.39 -26.61
CA GLY A 305 25.51 5.54 -27.36
C GLY A 305 26.11 6.66 -26.52
N THR A 306 27.05 6.30 -25.65
CA THR A 306 27.94 7.27 -25.05
C THR A 306 29.22 6.53 -24.64
N VAL A 307 30.35 7.23 -24.76
CA VAL A 307 31.64 6.70 -24.35
C VAL A 307 32.23 7.43 -23.15
N ASP A 308 31.51 8.41 -22.59
CA ASP A 308 31.97 9.03 -21.35
C ASP A 308 31.53 8.25 -20.12
N ALA A 309 30.31 7.69 -20.17
CA ALA A 309 29.76 6.96 -19.04
C ALA A 309 30.61 5.77 -18.61
N THR A 310 31.68 5.46 -19.33
CA THR A 310 32.43 4.29 -18.93
C THR A 310 33.61 4.68 -18.05
N PRO A 311 34.45 5.66 -18.43
CA PRO A 311 35.44 6.15 -17.44
C PRO A 311 34.80 6.88 -16.28
N LEU A 312 33.62 7.49 -16.50
CA LEU A 312 32.89 8.15 -15.41
C LEU A 312 32.50 7.14 -14.35
N TYR A 313 31.96 5.99 -14.78
CA TYR A 313 31.51 4.95 -13.85
C TYR A 313 32.62 4.57 -12.88
N VAL A 314 33.86 4.50 -13.36
CA VAL A 314 34.92 4.03 -12.49
C VAL A 314 35.49 5.17 -11.64
N ALA A 315 35.66 6.37 -12.20
CA ALA A 315 36.05 7.51 -11.38
C ALA A 315 35.10 7.66 -10.20
N LEU A 316 33.79 7.63 -10.47
CA LEU A 316 32.80 7.78 -9.42
C LEU A 316 33.02 6.75 -8.32
N ALA A 317 33.28 5.50 -8.70
CA ALA A 317 33.56 4.48 -7.69
C ALA A 317 34.83 4.84 -6.90
N GLY A 318 35.90 5.22 -7.61
CA GLY A 318 37.09 5.70 -6.92
C GLY A 318 36.79 6.84 -5.98
N GLU A 319 35.91 7.77 -6.40
CA GLU A 319 35.42 8.80 -5.49
C GLU A 319 34.54 8.23 -4.38
N TYR A 320 33.51 7.43 -4.74
CA TYR A 320 32.64 6.85 -3.71
C TYR A 320 33.46 6.23 -2.59
N LEU A 321 34.47 5.41 -2.93
CA LEU A 321 35.28 4.81 -1.88
C LEU A 321 36.06 5.87 -1.11
N ARG A 322 36.50 6.94 -1.79
CA ARG A 322 37.20 8.03 -1.11
C ARG A 322 36.34 8.69 -0.04
N TRP A 323 35.01 8.67 -0.21
CA TRP A 323 34.07 9.23 0.74
C TRP A 323 33.49 8.19 1.70
N THR A 324 33.09 7.03 1.19
CA THR A 324 32.32 6.11 2.03
C THR A 324 33.21 5.18 2.84
N GLY A 325 34.22 4.59 2.23
CA GLY A 325 34.91 3.46 2.80
C GLY A 325 34.23 2.12 2.59
N ASP A 326 33.12 2.10 1.84
CA ASP A 326 32.27 0.91 1.65
C ASP A 326 32.97 -0.08 0.69
N ARG A 327 34.07 -0.67 1.18
CA ARG A 327 34.83 -1.60 0.33
C ARG A 327 34.07 -2.89 0.06
N LYS A 328 33.05 -3.20 0.86
CA LYS A 328 32.15 -4.31 0.56
C LYS A 328 31.61 -4.20 -0.86
N LEU A 329 31.07 -3.03 -1.20
CA LEU A 329 30.41 -2.85 -2.49
C LEU A 329 31.38 -3.01 -3.65
N ILE A 330 32.61 -2.49 -3.51
CA ILE A 330 33.49 -2.31 -4.68
C ILE A 330 34.04 -3.66 -5.15
N GLU A 331 34.24 -4.63 -4.24
CA GLU A 331 34.58 -5.95 -4.74
C GLU A 331 33.34 -6.83 -4.96
N GLU A 332 32.15 -6.39 -4.54
CA GLU A 332 30.93 -6.86 -5.20
C GLU A 332 30.90 -6.37 -6.64
N LEU A 333 31.60 -5.29 -6.94
CA LEU A 333 31.63 -4.71 -8.27
C LEU A 333 32.98 -4.79 -8.97
N ARG A 334 34.02 -5.44 -8.39
CA ARG A 334 35.32 -5.40 -9.05
C ARG A 334 35.45 -6.33 -10.24
N PRO A 335 34.65 -7.39 -10.33
CA PRO A 335 34.46 -7.98 -11.66
C PRO A 335 33.89 -6.98 -12.65
N ASN A 336 32.84 -6.26 -12.26
CA ASN A 336 32.34 -5.16 -13.07
C ASN A 336 33.44 -4.15 -13.38
N LEU A 337 34.35 -3.90 -12.44
CA LEU A 337 35.27 -2.75 -12.50
C LEU A 337 36.47 -3.04 -13.42
N THR A 338 36.99 -4.26 -13.39
CA THR A 338 38.06 -4.65 -14.29
C THR A 338 37.57 -4.71 -15.73
N ALA A 339 36.36 -5.24 -15.94
CA ALA A 339 35.78 -5.29 -17.28
C ALA A 339 35.55 -3.89 -17.82
N ALA A 340 35.40 -2.92 -16.93
CA ALA A 340 35.35 -1.51 -17.32
C ALA A 340 36.71 -1.03 -17.82
N VAL A 341 37.77 -1.25 -17.02
CA VAL A 341 39.08 -0.72 -17.39
C VAL A 341 39.72 -1.49 -18.54
N GLU A 342 39.33 -2.73 -18.80
CA GLU A 342 39.82 -3.36 -20.02
C GLU A 342 39.06 -2.87 -21.26
N TRP A 343 37.87 -2.27 -21.10
CA TRP A 343 37.23 -1.55 -22.20
C TRP A 343 37.95 -0.21 -22.44
N ILE A 344 38.34 0.47 -21.37
CA ILE A 344 39.07 1.73 -21.51
C ILE A 344 40.33 1.51 -22.33
N LEU A 345 41.20 0.59 -21.86
CA LEU A 345 42.57 0.49 -22.32
C LEU A 345 42.64 -0.02 -23.75
N LYS A 346 41.81 -1.01 -24.10
CA LYS A 346 41.78 -1.45 -25.48
C LYS A 346 41.05 -0.48 -26.40
N LYS A 347 40.29 0.48 -25.85
CA LYS A 347 39.86 1.59 -26.69
C LYS A 347 40.92 2.69 -26.73
N LEU A 348 41.96 2.55 -25.90
CA LEU A 348 43.21 3.28 -25.95
C LEU A 348 44.28 2.56 -26.73
N ASP A 349 44.00 1.32 -27.13
CA ASP A 349 44.76 0.69 -28.21
C ASP A 349 44.88 1.66 -29.37
N ASP A 350 43.80 2.39 -29.66
CA ASP A 350 43.79 3.34 -30.75
C ASP A 350 44.53 4.63 -30.40
N GLY A 351 44.62 5.00 -29.13
CA GLY A 351 45.32 6.21 -28.75
C GLY A 351 44.55 7.22 -27.95
N TYR A 352 43.30 7.51 -28.33
CA TYR A 352 42.31 8.22 -27.51
C TYR A 352 41.03 7.39 -27.46
N ILE A 353 40.11 7.73 -26.58
CA ILE A 353 38.80 7.10 -26.63
C ILE A 353 37.92 7.95 -27.55
N THR A 354 37.35 7.30 -28.55
CA THR A 354 36.64 8.00 -29.59
C THR A 354 35.34 7.28 -29.91
N TYR A 355 34.42 8.04 -30.49
CA TYR A 355 33.08 7.61 -30.85
C TYR A 355 32.84 7.93 -32.31
N VAL A 356 31.82 7.31 -32.87
CA VAL A 356 31.48 7.59 -34.26
C VAL A 356 30.00 7.97 -34.28
N PRO A 357 29.60 9.03 -35.00
CA PRO A 357 28.19 9.38 -35.06
C PRO A 357 27.33 8.16 -35.36
N GLY A 358 26.21 8.04 -34.65
CA GLY A 358 25.30 6.94 -34.82
C GLY A 358 23.87 7.42 -34.80
N ILE A 359 23.03 6.81 -33.96
CA ILE A 359 21.67 7.32 -33.77
C ILE A 359 21.69 8.76 -33.26
N LEU A 360 22.53 9.03 -32.25
CA LEU A 360 22.79 10.39 -31.76
C LEU A 360 23.99 10.98 -32.48
N GLY A 361 23.96 12.30 -32.69
CA GLY A 361 24.98 12.96 -33.50
C GLY A 361 26.36 12.89 -32.88
N ASN A 362 26.42 12.94 -31.55
CA ASN A 362 27.65 12.75 -30.78
C ASN A 362 27.37 11.71 -29.69
N LYS A 363 28.41 11.34 -28.91
CA LYS A 363 28.25 10.47 -27.76
C LYS A 363 29.07 10.95 -26.57
N GLY A 364 29.19 12.26 -26.40
CA GLY A 364 29.56 12.86 -25.13
C GLY A 364 28.33 13.41 -24.44
N TRP A 365 28.55 14.41 -23.57
CA TRP A 365 27.40 15.05 -22.94
C TRP A 365 26.71 16.04 -23.89
N LYS A 366 27.46 16.62 -24.84
CA LYS A 366 26.86 17.41 -25.92
C LYS A 366 26.42 16.48 -27.04
N ASP A 367 25.40 15.69 -26.74
CA ASP A 367 24.97 14.61 -27.63
C ASP A 367 24.02 15.06 -28.75
N SER A 368 23.91 16.35 -29.04
CA SER A 368 23.09 16.79 -30.17
C SER A 368 23.92 16.80 -31.46
N ARG A 369 23.21 16.98 -32.58
CA ARG A 369 23.88 16.81 -33.87
C ARG A 369 24.72 18.02 -34.27
N ASP A 370 24.42 19.20 -33.74
CA ASP A 370 25.30 20.34 -33.98
C ASP A 370 26.10 20.74 -32.74
N GLY A 371 26.29 19.84 -31.79
CA GLY A 371 26.94 20.20 -30.54
C GLY A 371 28.44 20.35 -30.67
N ILE A 372 29.06 19.45 -31.42
CA ILE A 372 30.48 19.46 -31.68
C ILE A 372 30.70 20.11 -33.05
N ILE A 373 31.45 21.21 -33.09
CA ILE A 373 31.68 21.99 -34.30
C ILE A 373 33.18 22.19 -34.49
N ASP A 374 33.56 22.87 -35.58
CA ASP A 374 34.96 23.20 -35.87
C ASP A 374 35.17 24.70 -35.69
N GLU A 375 36.27 25.20 -36.26
CA GLU A 375 36.55 26.63 -36.15
C GLU A 375 35.57 27.48 -36.93
N GLU A 376 34.81 26.91 -37.87
CA GLU A 376 33.81 27.69 -38.58
C GLU A 376 32.44 26.98 -38.59
N GLY A 377 32.23 26.05 -37.66
CA GLY A 377 30.89 25.58 -37.37
C GLY A 377 30.38 24.44 -38.23
N LYS A 378 31.27 23.65 -38.81
CA LYS A 378 30.85 22.44 -39.49
C LYS A 378 31.21 21.24 -38.63
N ILE A 379 30.47 20.15 -38.80
CA ILE A 379 30.72 18.98 -37.96
C ILE A 379 31.97 18.28 -38.48
N PRO A 380 32.95 18.00 -37.63
CA PRO A 380 34.25 17.55 -38.11
C PRO A 380 34.25 16.08 -38.47
N LYS A 381 35.30 15.65 -39.17
CA LYS A 381 35.37 14.28 -39.65
C LYS A 381 35.47 13.31 -38.48
N PRO A 382 34.69 12.24 -38.47
CA PRO A 382 34.80 11.24 -37.39
C PRO A 382 35.92 10.25 -37.65
N PRO A 383 36.31 9.42 -36.65
CA PRO A 383 35.89 9.37 -35.23
C PRO A 383 36.30 10.62 -34.43
N ILE A 384 35.55 10.99 -33.36
CA ILE A 384 35.81 12.19 -32.57
C ILE A 384 36.37 11.78 -31.23
N ALA A 385 37.52 12.36 -30.85
CA ALA A 385 38.11 12.17 -29.51
C ALA A 385 37.89 13.45 -28.70
N LEU A 386 36.96 13.42 -27.74
CA LEU A 386 36.56 14.62 -27.02
C LEU A 386 37.45 14.92 -25.83
N VAL A 387 37.72 16.21 -25.62
CA VAL A 387 38.68 16.65 -24.62
C VAL A 387 38.25 16.19 -23.23
N GLU A 388 36.96 16.34 -22.92
CA GLU A 388 36.44 15.97 -21.61
C GLU A 388 36.58 14.48 -21.32
N VAL A 389 36.42 13.61 -22.33
CA VAL A 389 36.37 12.18 -22.03
C VAL A 389 37.78 11.61 -22.00
N GLN A 390 38.76 12.34 -22.53
CA GLN A 390 40.15 11.97 -22.30
C GLN A 390 40.59 12.35 -20.89
N GLY A 391 39.97 13.36 -20.29
CA GLY A 391 40.21 13.66 -18.89
C GLY A 391 39.55 12.68 -17.94
N TYR A 392 38.30 12.29 -18.23
CA TYR A 392 37.67 11.29 -17.36
C TYR A 392 38.48 10.01 -17.36
N THR A 393 39.21 9.74 -18.44
CA THR A 393 39.94 8.48 -18.58
C THR A 393 41.26 8.50 -17.79
N TYR A 394 42.06 9.55 -17.94
CA TYR A 394 43.21 9.71 -17.04
C TYR A 394 42.76 9.57 -15.60
N TRP A 395 41.69 10.30 -15.26
CA TRP A 395 41.11 10.25 -13.92
C TRP A 395 40.61 8.84 -13.58
N ALA A 396 39.94 8.19 -14.53
CA ALA A 396 39.54 6.79 -14.36
C ALA A 396 40.73 5.92 -13.95
N LEU A 397 41.76 5.88 -14.78
CA LEU A 397 42.81 4.87 -14.58
C LEU A 397 43.69 5.21 -13.39
N LYS A 398 44.02 6.49 -13.17
CA LYS A 398 44.89 6.86 -12.05
C LYS A 398 44.30 6.42 -10.72
N LEU A 399 42.98 6.41 -10.61
CA LEU A 399 42.41 5.99 -9.35
C LEU A 399 42.17 4.48 -9.29
N ALA A 400 41.84 3.82 -10.41
CA ALA A 400 41.75 2.36 -10.42
C ALA A 400 43.06 1.70 -10.03
N GLY A 401 44.16 2.43 -10.11
CA GLY A 401 45.45 1.97 -9.65
C GLY A 401 45.82 2.47 -8.26
N GLU A 402 45.59 3.76 -7.99
CA GLU A 402 45.87 4.32 -6.67
C GLU A 402 45.12 3.63 -5.55
N LEU A 403 44.01 2.97 -5.86
CA LEU A 403 43.18 2.37 -4.83
C LEU A 403 42.96 0.87 -5.02
N SER A 404 43.63 0.25 -6.00
CA SER A 404 43.45 -1.14 -6.39
C SER A 404 41.97 -1.44 -6.55
N LEU A 405 41.37 -0.88 -7.61
CA LEU A 405 39.93 -1.07 -7.77
C LEU A 405 39.63 -2.16 -8.79
N THR A 406 40.65 -2.67 -9.45
CA THR A 406 40.51 -3.64 -10.51
C THR A 406 41.45 -4.75 -10.14
N ASP A 407 41.51 -5.78 -10.96
CA ASP A 407 42.40 -6.89 -10.71
C ASP A 407 43.58 -6.94 -11.67
N LEU A 408 43.56 -6.09 -12.69
CA LEU A 408 44.64 -6.05 -13.67
C LEU A 408 45.92 -5.50 -13.05
N ASP A 409 46.86 -5.09 -13.89
CA ASP A 409 48.13 -4.54 -13.42
C ASP A 409 47.91 -3.23 -12.67
N GLU A 410 48.74 -2.99 -11.65
CA GLU A 410 48.64 -1.77 -10.86
C GLU A 410 49.31 -0.60 -11.56
N LYS A 411 50.53 -0.28 -11.15
CA LYS A 411 51.28 0.81 -11.76
C LYS A 411 51.46 0.64 -13.25
N THR A 412 51.05 -0.49 -13.80
CA THR A 412 50.78 -0.56 -15.24
C THR A 412 49.73 0.47 -15.63
N LEU A 413 48.58 0.42 -14.95
CA LEU A 413 47.49 1.38 -15.20
C LEU A 413 48.00 2.81 -15.09
N LEU A 414 48.82 3.11 -14.06
CA LEU A 414 49.35 4.46 -13.88
C LEU A 414 50.40 4.80 -14.93
N ALA A 415 51.14 3.80 -15.42
CA ALA A 415 52.08 4.02 -16.52
C ALA A 415 51.35 4.52 -17.76
N GLU A 416 50.29 3.82 -18.18
CA GLU A 416 49.48 4.28 -19.31
C GLU A 416 48.75 5.60 -19.01
N ALA A 417 48.48 5.89 -17.74
CA ALA A 417 47.86 7.16 -17.40
C ALA A 417 48.82 8.32 -17.67
N GLU A 418 50.08 8.19 -17.21
CA GLU A 418 51.06 9.23 -17.47
C GLU A 418 51.50 9.22 -18.92
N LYS A 419 51.42 8.06 -19.59
CA LYS A 419 51.43 8.01 -21.04
C LYS A 419 50.44 9.02 -21.61
N LEU A 420 49.17 8.83 -21.26
CA LEU A 420 48.08 9.65 -21.79
C LEU A 420 48.13 11.08 -21.29
N LYS A 421 48.46 11.31 -20.02
CA LYS A 421 48.60 12.68 -19.54
C LYS A 421 49.52 13.46 -20.46
N LYS A 422 50.76 12.98 -20.65
CA LYS A 422 51.66 13.71 -21.53
C LYS A 422 51.21 13.62 -22.98
N ARG A 423 50.57 12.52 -23.39
CA ARG A 423 49.98 12.47 -24.72
C ARG A 423 48.81 13.45 -24.86
N PHE A 424 48.12 13.78 -23.76
CA PHE A 424 46.96 14.64 -23.87
C PHE A 424 47.36 16.10 -24.04
N ASN A 425 48.00 16.68 -23.01
CA ASN A 425 48.44 18.07 -23.03
C ASN A 425 49.05 18.46 -24.37
N ARG A 426 50.10 17.72 -24.74
CA ARG A 426 50.76 17.84 -26.03
C ARG A 426 49.77 17.96 -27.18
N ASP A 427 48.85 17.01 -27.28
CA ASP A 427 47.97 16.89 -28.44
C ASP A 427 46.74 17.82 -28.43
N PHE A 428 46.46 18.54 -27.34
CA PHE A 428 45.22 19.31 -27.24
C PHE A 428 45.50 20.79 -26.97
N TRP A 429 46.66 21.09 -26.38
CA TRP A 429 46.97 22.44 -25.93
C TRP A 429 47.33 23.30 -27.12
N LEU A 430 46.70 24.48 -27.21
CA LEU A 430 46.84 25.40 -28.34
C LEU A 430 47.36 26.75 -27.91
N GLY A 431 48.20 26.76 -26.87
CA GLY A 431 48.79 27.97 -26.29
C GLY A 431 47.87 28.78 -25.40
N SER A 432 46.65 29.04 -25.87
CA SER A 432 45.65 29.83 -25.16
C SER A 432 44.62 28.97 -24.42
N TYR A 433 44.38 27.74 -24.87
CA TYR A 433 43.27 26.92 -24.39
C TYR A 433 43.50 25.48 -24.82
N TYR A 434 42.69 24.59 -24.25
CA TYR A 434 42.60 23.24 -24.75
C TYR A 434 41.55 23.17 -25.85
N ALA A 435 41.69 22.19 -26.71
CA ALA A 435 40.85 22.11 -27.90
C ALA A 435 39.64 21.26 -27.59
N LEU A 436 38.54 21.55 -28.27
CA LEU A 436 37.30 20.82 -28.02
C LEU A 436 37.42 19.32 -28.36
N ALA A 437 38.19 18.99 -29.40
CA ALA A 437 38.33 17.60 -29.84
C ALA A 437 39.34 17.53 -30.99
N LEU A 438 39.82 16.30 -31.25
CA LEU A 438 40.50 15.98 -32.49
C LEU A 438 39.56 15.19 -33.40
N ASP A 439 39.69 15.40 -34.71
CA ASP A 439 38.86 14.68 -35.66
C ASP A 439 39.59 13.43 -36.17
N GLY A 440 38.98 12.74 -37.15
CA GLY A 440 39.31 11.37 -37.51
C GLY A 440 40.72 11.16 -38.01
N GLU A 441 41.37 12.19 -38.57
CA GLU A 441 42.79 12.13 -38.90
C GLU A 441 43.61 13.11 -38.07
N GLY A 442 43.15 13.45 -36.86
CA GLY A 442 44.00 14.01 -35.84
C GLY A 442 44.05 15.52 -35.71
N ARG A 443 43.46 16.31 -36.65
CA ARG A 443 43.71 17.74 -36.46
C ARG A 443 42.81 18.30 -35.36
N PRO A 444 43.34 19.21 -34.53
CA PRO A 444 42.53 19.78 -33.46
C PRO A 444 41.45 20.70 -34.00
N LEU A 445 40.40 20.89 -33.19
CA LEU A 445 39.29 21.79 -33.50
C LEU A 445 39.44 23.04 -32.62
N ARG A 446 39.81 24.16 -33.24
CA ARG A 446 40.25 25.34 -32.49
C ARG A 446 39.05 26.23 -32.14
N VAL A 447 38.29 25.76 -31.16
CA VAL A 447 37.16 26.48 -30.60
C VAL A 447 37.23 26.32 -29.08
N VAL A 448 37.14 27.43 -28.36
CA VAL A 448 37.14 27.39 -26.91
C VAL A 448 35.76 26.97 -26.40
N SER A 449 35.74 26.13 -25.37
CA SER A 449 34.53 25.45 -24.94
C SER A 449 34.57 25.25 -23.45
N SER A 450 33.41 24.98 -22.87
CA SER A 450 33.39 24.62 -21.46
C SER A 450 33.80 23.18 -21.23
N ASN A 451 33.94 22.38 -22.29
CA ASN A 451 34.41 21.01 -22.14
C ASN A 451 35.80 20.97 -21.51
N MET A 452 36.64 21.98 -21.77
CA MET A 452 37.99 22.01 -21.21
C MET A 452 37.99 22.32 -19.73
N GLY A 453 36.94 22.98 -19.25
CA GLY A 453 36.76 23.17 -17.82
C GLY A 453 36.57 21.88 -17.06
N HIS A 454 36.26 20.78 -17.77
CA HIS A 454 36.07 19.47 -17.14
C HIS A 454 37.38 18.82 -16.70
N LEU A 455 38.52 19.36 -17.10
CA LEU A 455 39.80 18.71 -16.86
C LEU A 455 40.55 19.24 -15.65
N LEU A 456 40.08 20.32 -15.02
CA LEU A 456 40.71 20.75 -13.79
C LEU A 456 40.55 19.69 -12.70
N LEU A 457 39.47 18.92 -12.75
CA LEU A 457 39.19 17.92 -11.74
C LEU A 457 39.85 16.57 -12.05
N THR A 458 40.21 16.34 -13.32
CA THR A 458 40.91 15.13 -13.73
C THR A 458 42.39 15.16 -13.32
N GLY A 459 43.00 16.36 -13.33
CA GLY A 459 44.42 16.49 -13.11
C GLY A 459 45.29 16.05 -14.25
N ILE A 460 44.69 15.83 -15.43
CA ILE A 460 45.46 15.56 -16.64
C ILE A 460 46.12 16.81 -17.16
N ALA A 461 45.57 17.97 -16.82
CA ALA A 461 46.10 19.21 -17.33
C ALA A 461 47.39 19.54 -16.62
N GLU A 462 48.38 19.99 -17.38
CA GLU A 462 49.60 20.50 -16.77
C GLU A 462 49.67 22.00 -16.81
N HIS A 463 48.90 22.60 -17.70
CA HIS A 463 48.67 24.03 -17.73
C HIS A 463 47.36 24.38 -16.99
N GLU A 464 47.22 23.97 -15.72
CA GLU A 464 45.91 24.06 -15.06
C GLU A 464 45.44 25.50 -14.92
N GLU A 465 46.33 26.40 -14.48
CA GLU A 465 45.91 27.76 -14.15
C GLU A 465 45.44 28.55 -15.36
N GLU A 466 46.04 28.35 -16.54
CA GLU A 466 45.71 29.19 -17.67
C GLU A 466 44.47 28.67 -18.40
N LEU A 467 44.16 27.40 -18.24
CA LEU A 467 42.82 26.94 -18.57
C LEU A 467 41.79 27.70 -17.74
N ALA A 468 42.02 27.87 -16.45
CA ALA A 468 41.14 28.66 -15.60
C ALA A 468 40.89 30.05 -16.17
N GLU A 469 41.92 30.92 -16.16
CA GLU A 469 41.70 32.34 -16.46
C GLU A 469 41.10 32.55 -17.84
N ARG A 470 41.35 31.65 -18.78
CA ARG A 470 40.69 31.73 -20.07
C ARG A 470 39.18 31.46 -19.94
N LEU A 471 38.81 30.48 -19.11
CA LEU A 471 37.41 30.16 -18.87
C LEU A 471 36.61 31.33 -18.29
N PHE A 472 37.27 32.27 -17.61
CA PHE A 472 36.58 33.39 -16.98
C PHE A 472 36.66 34.67 -17.79
N ARG A 473 37.18 34.59 -19.00
CA ARG A 473 37.22 35.75 -19.88
C ARG A 473 35.80 36.14 -20.31
N PRO A 474 35.60 37.40 -20.73
CA PRO A 474 34.25 37.86 -21.13
C PRO A 474 33.64 37.07 -22.26
N ASP A 475 34.41 36.30 -23.01
CA ASP A 475 33.78 35.52 -24.06
C ASP A 475 33.17 34.24 -23.51
N MET A 476 33.61 33.77 -22.34
CA MET A 476 33.09 32.54 -21.75
C MET A 476 32.22 32.77 -20.53
N PHE A 477 32.35 33.91 -19.85
CA PHE A 477 31.63 34.17 -18.61
C PHE A 477 30.45 35.07 -18.91
N SER A 478 29.27 34.46 -19.02
CA SER A 478 28.00 35.12 -18.96
C SER A 478 27.72 35.56 -17.54
N ARG A 479 26.67 36.36 -17.38
CA ARG A 479 26.35 36.88 -16.06
C ARG A 479 25.85 35.78 -15.15
N TYR A 480 25.55 34.58 -15.69
CA TYR A 480 24.95 33.53 -14.88
C TYR A 480 25.60 32.17 -15.13
N GLY A 481 26.88 32.14 -15.48
CA GLY A 481 27.57 30.87 -15.66
C GLY A 481 28.47 30.78 -16.87
N ILE A 482 29.27 29.71 -16.96
CA ILE A 482 30.17 29.53 -18.07
C ILE A 482 29.39 28.95 -19.25
N ARG A 483 29.35 29.70 -20.36
CA ARG A 483 28.65 29.26 -21.55
C ARG A 483 29.33 28.03 -22.15
N THR A 484 28.51 27.16 -22.79
CA THR A 484 28.96 25.87 -23.29
C THR A 484 29.98 26.02 -24.40
N LEU A 485 29.91 27.12 -25.15
CA LEU A 485 30.88 27.54 -26.16
C LEU A 485 31.23 28.99 -25.85
N SER A 486 31.95 29.66 -26.75
CA SER A 486 32.22 31.07 -26.51
C SER A 486 31.45 31.92 -27.51
N ALA A 487 31.17 33.17 -27.12
CA ALA A 487 30.41 34.05 -27.99
C ALA A 487 31.23 34.58 -29.17
N LYS A 488 32.57 34.46 -29.13
CA LYS A 488 33.39 34.91 -30.25
C LYS A 488 33.39 33.93 -31.41
N GLU A 489 33.13 32.64 -31.16
CA GLU A 489 33.16 31.66 -32.23
C GLU A 489 32.11 31.99 -33.31
N LYS A 490 32.34 31.44 -34.50
CA LYS A 490 31.40 31.67 -35.60
C LYS A 490 30.05 31.06 -35.28
N ALA A 491 30.05 29.83 -34.77
CA ALA A 491 28.81 29.09 -34.47
C ALA A 491 28.47 29.16 -32.98
N TYR A 492 28.26 30.38 -32.50
CA TYR A 492 27.72 30.60 -31.17
C TYR A 492 26.28 31.08 -31.30
N ASN A 493 25.36 30.35 -30.64
CA ASN A 493 24.02 30.86 -30.43
C ASN A 493 23.56 30.55 -29.01
N PRO A 494 23.23 31.59 -28.23
CA PRO A 494 22.94 31.39 -26.80
C PRO A 494 21.78 30.44 -26.50
N PHE A 495 20.83 30.24 -27.44
CA PHE A 495 19.66 29.41 -27.17
C PHE A 495 19.78 28.05 -27.82
N SER A 496 20.99 27.59 -28.08
CA SER A 496 21.26 26.27 -28.63
C SER A 496 21.41 25.23 -27.51
N TYR A 497 21.14 23.98 -27.87
CA TYR A 497 21.24 22.90 -26.90
C TYR A 497 22.67 22.77 -26.36
N HIS A 498 23.69 22.82 -27.24
CA HIS A 498 25.08 22.61 -26.80
C HIS A 498 26.09 23.60 -27.40
N ARG A 499 25.68 24.80 -27.81
CA ARG A 499 26.61 25.70 -28.49
C ARG A 499 26.49 27.12 -27.97
N GLY A 500 26.44 27.28 -26.65
CA GLY A 500 26.47 28.62 -26.08
C GLY A 500 25.59 28.79 -24.87
N SER A 501 24.80 27.76 -24.60
CA SER A 501 23.84 27.81 -23.51
C SER A 501 24.52 27.41 -22.21
N VAL A 502 24.01 27.95 -21.13
CA VAL A 502 24.57 27.69 -19.81
C VAL A 502 23.89 26.47 -19.22
N TRP A 503 24.62 25.68 -18.45
CA TRP A 503 24.12 24.42 -17.93
C TRP A 503 24.59 24.36 -16.49
N PRO A 504 23.68 24.30 -15.53
CA PRO A 504 24.13 24.22 -14.13
C PRO A 504 25.14 23.10 -13.84
N HIS A 505 24.95 21.87 -14.36
CA HIS A 505 25.95 20.84 -14.04
C HIS A 505 27.29 21.10 -14.74
N ASP A 506 27.26 21.59 -15.98
CA ASP A 506 28.51 21.79 -16.69
C ASP A 506 29.39 22.77 -15.90
N ASN A 507 28.80 23.90 -15.47
CA ASN A 507 29.47 24.85 -14.59
C ASN A 507 29.91 24.21 -13.27
N ALA A 508 29.07 23.34 -12.70
CA ALA A 508 29.38 22.72 -11.42
C ALA A 508 30.58 21.80 -11.52
N LEU A 509 30.63 20.96 -12.56
CA LEU A 509 31.82 20.15 -12.78
C LEU A 509 33.06 21.05 -12.81
N ILE A 510 33.03 22.09 -13.64
CA ILE A 510 34.13 23.05 -13.65
C ILE A 510 34.43 23.60 -12.25
N ALA A 511 33.41 23.74 -11.39
CA ALA A 511 33.63 24.30 -10.05
C ALA A 511 34.32 23.27 -9.13
N LEU A 512 33.90 22.00 -9.23
CA LEU A 512 34.53 20.94 -8.45
C LEU A 512 36.01 20.81 -8.76
N GLY A 513 36.41 21.13 -10.00
CA GLY A 513 37.79 21.02 -10.42
C GLY A 513 38.62 22.25 -10.13
N LEU A 514 37.96 23.42 -10.08
CA LEU A 514 38.62 24.58 -9.51
C LEU A 514 38.90 24.39 -8.02
N ALA A 515 38.21 23.45 -7.36
CA ALA A 515 38.49 23.12 -5.97
C ALA A 515 39.67 22.15 -5.81
N ARG A 516 39.89 21.27 -6.81
CA ARG A 516 41.07 20.40 -6.79
C ARG A 516 42.35 21.21 -6.91
N ILE A 517 42.31 22.33 -7.63
CA ILE A 517 43.49 23.12 -7.91
C ILE A 517 43.56 24.39 -7.04
N GLY A 518 42.85 24.41 -5.92
CA GLY A 518 43.05 25.51 -4.99
C GLY A 518 42.66 26.87 -5.51
N ARG A 519 41.61 26.92 -6.32
CA ARG A 519 40.99 28.17 -6.74
C ARG A 519 39.53 28.21 -6.25
N THR A 520 39.39 28.22 -4.91
CA THR A 520 38.07 28.28 -4.30
C THR A 520 37.36 29.61 -4.59
N ASP A 521 38.10 30.68 -4.83
CA ASP A 521 37.46 31.96 -5.14
C ASP A 521 36.74 31.91 -6.50
N MET A 522 37.35 31.29 -7.50
CA MET A 522 36.68 31.21 -8.78
C MET A 522 35.52 30.21 -8.76
N ALA A 523 35.63 29.13 -7.97
CA ALA A 523 34.47 28.25 -7.86
C ALA A 523 33.29 29.02 -7.27
N LYS A 524 33.57 29.95 -6.34
CA LYS A 524 32.49 30.71 -5.69
C LYS A 524 31.83 31.67 -6.66
N ALA A 525 32.60 32.30 -7.54
CA ALA A 525 31.99 33.16 -8.54
C ALA A 525 31.09 32.35 -9.46
N LEU A 526 31.40 31.06 -9.58
CA LEU A 526 30.66 30.20 -10.47
C LEU A 526 29.40 29.67 -9.80
N MET A 527 29.43 29.47 -8.49
CA MET A 527 28.22 29.20 -7.74
C MET A 527 27.32 30.43 -7.73
N ASP A 528 27.89 31.61 -7.40
CA ASP A 528 27.14 32.85 -7.37
C ASP A 528 26.35 33.05 -8.65
N ALA A 529 27.00 32.89 -9.80
CA ALA A 529 26.40 33.24 -11.08
C ALA A 529 25.13 32.45 -11.33
N VAL A 530 25.14 31.16 -11.01
CA VAL A 530 23.97 30.36 -11.32
C VAL A 530 22.94 30.41 -10.19
N PHE A 531 23.34 30.76 -8.97
CA PHE A 531 22.35 31.06 -7.96
C PHE A 531 21.67 32.40 -8.24
N ASP A 532 22.44 33.42 -8.66
CA ASP A 532 21.82 34.63 -9.18
C ASP A 532 20.85 34.30 -10.31
N ALA A 533 21.12 33.19 -11.01
CA ALA A 533 20.18 32.64 -11.98
C ALA A 533 19.02 31.93 -11.30
N ALA A 534 19.30 31.15 -10.25
CA ALA A 534 18.19 30.45 -9.61
C ALA A 534 17.36 31.40 -8.78
N LYS A 535 17.88 32.58 -8.46
CA LYS A 535 17.08 33.51 -7.68
C LYS A 535 15.93 34.09 -8.51
N LEU A 536 16.10 34.16 -9.83
CA LEU A 536 15.15 34.81 -10.75
C LEU A 536 14.32 33.85 -11.60
N LEU A 537 14.44 32.53 -11.41
CA LEU A 537 13.63 31.59 -12.17
C LEU A 537 12.47 31.09 -11.33
N PRO A 538 11.41 30.64 -11.98
CA PRO A 538 10.28 30.04 -11.25
C PRO A 538 10.71 28.98 -10.23
N GLU A 539 10.15 29.10 -9.02
CA GLU A 539 10.41 28.23 -7.88
C GLU A 539 11.89 28.10 -7.57
N ARG A 540 12.68 29.09 -7.98
CA ARG A 540 14.14 29.04 -7.84
C ARG A 540 14.66 27.66 -8.24
N GLU A 541 14.03 27.07 -9.26
CA GLU A 541 14.43 25.79 -9.79
C GLU A 541 15.50 25.94 -10.85
N LEU A 542 16.51 25.07 -10.80
CA LEU A 542 17.57 25.10 -11.80
C LEU A 542 17.16 24.15 -12.91
N PRO A 543 16.88 24.65 -14.12
CA PRO A 543 16.50 23.76 -15.21
C PRO A 543 17.74 23.25 -15.90
N GLU A 544 17.55 22.36 -16.87
CA GLU A 544 18.65 21.75 -17.61
C GLU A 544 19.62 22.78 -18.14
N LEU A 545 19.09 23.87 -18.69
CA LEU A 545 19.95 24.86 -19.32
C LEU A 545 19.13 26.11 -19.54
N TYR A 546 19.83 27.23 -19.75
CA TYR A 546 19.17 28.47 -20.09
C TYR A 546 20.12 29.33 -20.90
N SER A 547 19.61 30.45 -21.40
CA SER A 547 20.34 31.23 -22.38
C SER A 547 21.63 31.78 -21.79
N GLY A 548 22.58 32.02 -22.67
CA GLY A 548 23.87 32.57 -22.36
C GLY A 548 23.94 34.07 -22.48
N LEU A 549 22.86 34.74 -22.86
CA LEU A 549 22.91 36.20 -22.86
C LEU A 549 23.09 36.68 -21.42
N ASN A 550 23.51 37.94 -21.29
CA ASN A 550 23.85 38.48 -19.98
C ASN A 550 22.64 38.94 -19.22
N GLU A 551 21.48 38.84 -19.85
CA GLU A 551 20.18 38.89 -19.20
C GLU A 551 19.62 37.48 -19.11
N LEU A 552 19.00 37.16 -17.99
CA LEU A 552 18.50 35.82 -17.81
C LEU A 552 17.25 35.60 -18.66
N VAL A 553 17.25 34.54 -19.47
CA VAL A 553 16.21 34.23 -20.44
C VAL A 553 16.22 32.71 -20.62
N PRO A 554 15.14 32.01 -20.41
CA PRO A 554 15.29 30.56 -20.34
C PRO A 554 15.43 30.03 -21.74
N VAL A 555 15.58 28.71 -21.87
CA VAL A 555 15.60 28.01 -23.14
C VAL A 555 14.38 27.08 -23.18
N PRO A 556 13.44 27.26 -24.11
CA PRO A 556 12.26 26.38 -24.18
C PRO A 556 12.55 24.88 -24.19
N ARG A 557 13.56 24.42 -24.92
CA ARG A 557 13.79 22.97 -24.83
C ARG A 557 14.23 22.55 -23.41
N ALA A 558 14.49 23.50 -22.50
CA ALA A 558 15.09 23.18 -21.21
C ALA A 558 14.14 22.36 -20.35
N ASN A 559 14.68 21.32 -19.73
CA ASN A 559 13.87 20.35 -19.03
C ASN A 559 13.98 20.53 -17.53
N SER A 560 12.83 20.52 -16.89
CA SER A 560 12.70 21.05 -15.54
C SER A 560 11.55 20.34 -14.84
N PRO A 561 11.82 19.58 -13.77
CA PRO A 561 13.13 19.31 -13.14
C PRO A 561 14.11 18.55 -14.03
N GLN A 562 15.39 18.60 -13.67
CA GLN A 562 16.42 17.83 -14.34
C GLN A 562 17.49 17.52 -13.30
N ALA A 563 17.98 16.28 -13.32
CA ALA A 563 18.64 15.73 -12.16
C ALA A 563 20.03 16.29 -11.97
N TRP A 564 20.86 16.24 -13.01
CA TRP A 564 22.23 16.70 -12.82
C TRP A 564 22.24 18.19 -12.49
N SER A 565 21.20 18.94 -12.91
CA SER A 565 21.22 20.38 -12.66
C SER A 565 20.61 20.77 -11.32
N SER A 566 19.58 20.07 -10.84
CA SER A 566 19.11 20.32 -9.49
C SER A 566 19.99 19.66 -8.43
N ALA A 567 20.91 18.77 -8.83
CA ALA A 567 21.89 18.24 -7.92
C ALA A 567 23.17 19.06 -7.94
N SER A 568 23.39 19.83 -9.00
CA SER A 568 24.57 20.68 -9.07
C SER A 568 24.63 21.65 -7.91
N VAL A 569 23.47 22.02 -7.37
CA VAL A 569 23.42 22.90 -6.21
C VAL A 569 24.37 22.39 -5.13
N PHE A 570 24.37 21.09 -4.85
CA PHE A 570 25.24 20.50 -3.82
C PHE A 570 26.70 20.41 -4.27
N ALA A 571 26.95 20.01 -5.52
CA ALA A 571 28.32 20.05 -6.01
C ALA A 571 28.91 21.43 -5.84
N PHE A 572 28.11 22.44 -6.18
CA PHE A 572 28.55 23.82 -6.00
C PHE A 572 28.98 24.07 -4.56
N VAL A 573 28.35 23.40 -3.59
CA VAL A 573 28.81 23.68 -2.23
C VAL A 573 30.02 22.82 -1.88
N THR A 574 30.12 21.59 -2.43
CA THR A 574 31.35 20.84 -2.18
C THR A 574 32.58 21.62 -2.67
N ALA A 575 32.45 22.34 -3.79
CA ALA A 575 33.56 23.15 -4.25
C ALA A 575 33.60 24.52 -3.59
N SER A 576 32.44 25.07 -3.24
CA SER A 576 32.42 26.32 -2.50
C SER A 576 33.42 26.29 -1.34
N LEU A 577 33.36 25.24 -0.53
CA LEU A 577 34.19 25.08 0.66
C LEU A 577 35.55 24.40 0.38
N GLY A 578 35.87 24.10 -0.88
CA GLY A 578 37.05 23.30 -1.19
C GLY A 578 37.10 21.95 -0.49
N MET A 579 35.94 21.31 -0.29
CA MET A 579 35.82 20.14 0.57
C MET A 579 36.39 18.88 -0.06
N GLU A 580 37.28 18.20 0.67
CA GLU A 580 37.96 17.01 0.18
C GLU A 580 37.78 15.87 1.17
N ALA A 581 37.79 14.65 0.64
CA ALA A 581 37.80 13.42 1.43
C ALA A 581 39.19 12.81 1.36
N GLY A 582 39.82 12.63 2.52
CA GLY A 582 41.13 12.02 2.60
C GLY A 582 41.20 11.02 3.74
N ASP A 583 42.32 11.01 4.47
CA ASP A 583 42.31 10.30 5.76
C ASP A 583 41.30 10.93 6.70
N GLU A 584 41.03 12.21 6.50
CA GLU A 584 40.07 13.00 7.27
C GLU A 584 39.36 13.96 6.33
N LEU A 585 38.29 14.56 6.85
CA LEU A 585 37.40 15.43 6.08
C LEU A 585 37.82 16.88 6.27
N THR A 586 38.51 17.46 5.28
CA THR A 586 39.02 18.81 5.37
C THR A 586 38.13 19.81 4.62
N VAL A 587 38.13 21.07 5.10
CA VAL A 587 37.36 22.18 4.55
C VAL A 587 38.26 23.41 4.52
N ARG A 588 38.72 23.81 3.34
CA ARG A 588 39.46 25.07 3.20
C ARG A 588 38.69 25.97 2.25
N PRO A 589 37.83 26.82 2.80
CA PRO A 589 36.83 27.51 1.99
C PRO A 589 37.37 28.72 1.24
N ALA A 590 36.53 29.19 0.31
CA ALA A 590 36.71 30.46 -0.36
C ALA A 590 36.31 31.59 0.58
N GLU A 591 36.73 32.82 0.26
CA GLU A 591 36.46 33.87 1.21
C GLU A 591 35.03 34.35 1.11
N GLY A 592 34.42 34.60 2.26
CA GLY A 592 33.08 35.12 2.28
C GLY A 592 32.02 34.09 2.06
N THR A 593 32.33 32.81 2.30
CA THR A 593 31.31 31.77 2.30
C THR A 593 30.78 31.55 3.71
N SER A 594 29.49 31.22 3.81
CA SER A 594 28.80 31.16 5.09
C SER A 594 27.76 30.07 4.96
N ILE A 595 27.94 28.95 5.68
CA ILE A 595 27.06 27.80 5.49
C ILE A 595 27.19 26.86 6.68
N VAL A 596 26.06 26.24 7.03
CA VAL A 596 25.99 25.11 7.94
C VAL A 596 25.49 23.90 7.16
N LEU A 597 26.12 22.74 7.39
CA LEU A 597 25.76 21.48 6.73
C LEU A 597 25.60 20.40 7.81
N ARG A 598 24.35 19.99 8.05
CA ARG A 598 24.03 19.05 9.14
C ARG A 598 23.81 17.67 8.53
N GLY A 599 24.91 17.01 8.17
CA GLY A 599 24.84 15.65 7.63
C GLY A 599 25.80 15.25 6.51
N VAL A 600 26.92 15.95 6.35
CA VAL A 600 27.98 15.49 5.45
C VAL A 600 28.35 14.05 5.76
N SER A 601 28.33 13.20 4.73
CA SER A 601 28.62 11.78 4.91
C SER A 601 30.03 11.47 4.41
N PHE A 602 30.85 10.92 5.32
CA PHE A 602 32.25 10.56 5.09
C PHE A 602 32.56 9.34 5.95
N GLY A 603 33.01 8.26 5.32
CA GLY A 603 33.35 7.08 6.09
C GLY A 603 32.21 6.48 6.88
N GLY A 604 30.97 6.61 6.41
CA GLY A 604 29.84 6.00 7.08
C GLY A 604 29.34 6.72 8.30
N ARG A 605 30.01 7.81 8.71
CA ARG A 605 29.61 8.66 9.82
C ARG A 605 29.34 10.07 9.30
N ARG A 606 28.50 10.81 10.01
CA ARG A 606 28.04 12.11 9.55
C ARG A 606 28.54 13.23 10.45
N TYR A 607 28.93 14.33 9.82
CA TYR A 607 29.63 15.44 10.45
C TYR A 607 28.85 16.74 10.28
N VAL A 608 28.99 17.62 11.27
CA VAL A 608 28.43 18.96 11.24
C VAL A 608 29.54 19.89 10.76
N VAL A 609 29.40 20.41 9.56
CA VAL A 609 30.39 21.31 9.00
C VAL A 609 29.83 22.72 9.10
N VAL A 610 30.60 23.65 9.65
CA VAL A 610 30.15 25.02 9.86
C VAL A 610 31.22 25.97 9.36
N VAL A 611 30.80 26.93 8.54
CA VAL A 611 31.71 27.93 7.97
C VAL A 611 31.03 29.28 8.21
N ASN A 612 31.55 30.04 9.18
CA ASN A 612 30.99 31.30 9.69
C ASN A 612 32.17 32.06 10.29
N GLY A 613 32.95 32.69 9.40
CA GLY A 613 34.22 33.27 9.76
C GLY A 613 35.23 32.32 10.37
N GLY A 614 34.92 31.03 10.42
CA GLY A 614 35.84 30.01 10.92
C GLY A 614 35.20 28.67 10.63
N VAL A 615 36.03 27.63 10.58
CA VAL A 615 35.55 26.33 10.12
C VAL A 615 35.65 25.29 11.24
N SER A 616 34.59 24.50 11.39
CA SER A 616 34.46 23.45 12.39
C SER A 616 33.91 22.18 11.76
N VAL A 617 34.46 21.02 12.13
CA VAL A 617 34.04 19.73 11.60
C VAL A 617 33.90 18.77 12.76
N GLU A 618 32.68 18.38 13.09
CA GLU A 618 32.39 17.54 14.25
C GLU A 618 31.24 16.60 13.90
N PRO A 619 31.23 15.40 14.47
CA PRO A 619 30.18 14.41 14.15
C PRO A 619 28.79 14.83 14.62
N LEU A 620 27.79 14.07 14.13
CA LEU A 620 26.38 14.29 14.49
C LEU A 620 26.03 13.63 15.81
N MET B 1 -37.16 -26.92 12.29
CA MET B 1 -35.97 -26.19 12.73
C MET B 1 -35.03 -25.93 11.55
N ARG B 2 -34.14 -24.96 11.75
CA ARG B 2 -32.97 -24.77 10.93
C ARG B 2 -31.88 -25.75 11.42
N THR B 3 -31.48 -26.68 10.55
CA THR B 3 -30.39 -27.62 10.86
C THR B 3 -29.11 -27.15 10.17
N ILE B 4 -27.96 -27.37 10.80
CA ILE B 4 -26.72 -26.76 10.35
C ILE B 4 -25.53 -27.72 10.48
N LEU B 5 -24.90 -28.04 9.35
CA LEU B 5 -23.55 -28.60 9.31
C LEU B 5 -22.62 -27.48 8.90
N ALA B 6 -21.57 -27.25 9.68
CA ALA B 6 -20.63 -26.18 9.36
C ALA B 6 -19.24 -26.57 9.77
N GLY B 7 -18.25 -26.12 8.99
CA GLY B 7 -16.85 -26.41 9.26
C GLY B 7 -15.87 -25.90 8.22
N ASN B 8 -14.83 -25.20 8.70
CA ASN B 8 -13.69 -24.76 7.90
C ASN B 8 -14.14 -24.13 6.59
N GLY B 9 -14.97 -23.08 6.74
CA GLY B 9 -15.48 -22.38 5.57
C GLY B 9 -16.52 -23.12 4.75
N ALA B 10 -16.98 -24.27 5.22
CA ALA B 10 -17.99 -25.05 4.51
C ALA B 10 -19.16 -25.26 5.46
N PHE B 11 -20.34 -24.77 5.08
CA PHE B 11 -21.53 -24.97 5.89
C PHE B 11 -22.73 -25.33 5.02
N VAL B 12 -23.45 -26.35 5.42
CA VAL B 12 -24.74 -26.69 4.83
C VAL B 12 -25.87 -26.08 5.68
N LEU B 13 -26.99 -25.76 5.02
CA LEU B 13 -28.24 -25.42 5.69
C LEU B 13 -29.36 -26.24 5.06
N SER B 14 -30.20 -26.86 5.89
CA SER B 14 -31.25 -27.76 5.43
C SER B 14 -32.45 -27.61 6.33
N ASP B 15 -33.55 -28.28 5.97
CA ASP B 15 -34.54 -28.59 6.99
C ASP B 15 -33.94 -29.64 7.94
N GLU B 16 -34.74 -30.31 8.76
CA GLU B 16 -34.15 -31.30 9.66
C GLU B 16 -34.14 -32.72 9.09
N ARG B 17 -34.95 -33.03 8.07
CA ARG B 17 -34.82 -34.35 7.45
C ARG B 17 -33.87 -34.36 6.25
N GLY B 18 -33.33 -33.20 5.87
CA GLY B 18 -32.24 -33.18 4.90
C GLY B 18 -32.37 -32.24 3.72
N ASP B 19 -33.60 -31.90 3.30
CA ASP B 19 -33.80 -31.19 2.05
C ASP B 19 -33.36 -29.74 2.20
N MET B 20 -33.45 -28.98 1.12
CA MET B 20 -32.95 -27.60 1.09
C MET B 20 -34.02 -26.64 0.58
N PRO B 21 -35.18 -26.54 1.30
CA PRO B 21 -36.32 -25.77 0.78
C PRO B 21 -36.23 -24.26 0.96
N SER B 22 -35.86 -23.78 2.15
CA SER B 22 -35.88 -22.33 2.37
C SER B 22 -34.80 -21.65 1.53
N HIS B 23 -34.94 -20.33 1.35
CA HIS B 23 -34.18 -19.61 0.33
C HIS B 23 -32.68 -19.48 0.65
N TYR B 24 -32.29 -19.57 1.91
CA TYR B 24 -30.86 -19.52 2.23
C TYR B 24 -30.22 -20.91 2.35
N ASP B 25 -31.00 -22.00 2.24
CA ASP B 25 -30.49 -23.36 2.40
C ASP B 25 -29.51 -23.75 1.28
N GLY B 26 -28.41 -24.41 1.65
CA GLY B 26 -27.46 -24.86 0.65
C GLY B 26 -26.14 -25.36 1.23
N PHE B 27 -25.39 -26.08 0.38
CA PHE B 27 -24.02 -26.45 0.68
C PHE B 27 -23.13 -25.32 0.20
N TYR B 28 -22.51 -24.62 1.15
CA TYR B 28 -21.64 -23.49 0.88
C TYR B 28 -20.20 -23.85 1.18
N PHE B 29 -19.29 -23.15 0.49
CA PHE B 29 -17.85 -23.31 0.72
C PHE B 29 -17.11 -22.09 0.20
N LEU B 30 -16.30 -21.49 1.06
CA LEU B 30 -15.65 -20.19 0.85
C LEU B 30 -16.53 -19.26 0.03
N ASP B 31 -17.58 -18.74 0.66
CA ASP B 31 -18.36 -17.61 0.16
C ASP B 31 -19.04 -17.85 -1.19
N THR B 32 -19.13 -19.09 -1.70
CA THR B 32 -19.92 -19.37 -2.90
C THR B 32 -20.74 -20.64 -2.68
N ARG B 33 -22.04 -20.57 -2.95
CA ARG B 33 -22.93 -21.72 -2.78
C ARG B 33 -22.75 -22.69 -3.94
N PHE B 34 -22.54 -23.97 -3.63
CA PHE B 34 -22.35 -24.96 -4.68
C PHE B 34 -23.62 -25.70 -5.04
N VAL B 35 -24.45 -26.00 -4.04
CA VAL B 35 -25.74 -26.62 -4.26
C VAL B 35 -26.78 -25.83 -3.48
N ARG B 36 -28.00 -25.86 -3.99
CA ARG B 36 -29.23 -25.56 -3.27
C ARG B 36 -30.29 -26.53 -3.78
N LYS B 37 -31.49 -26.43 -3.21
CA LYS B 37 -32.68 -27.14 -3.69
C LYS B 37 -32.52 -28.67 -3.65
N ALA B 38 -31.71 -29.17 -2.72
CA ALA B 38 -31.59 -30.60 -2.53
C ALA B 38 -32.92 -31.18 -2.08
N ARG B 39 -33.41 -32.21 -2.78
CA ARG B 39 -34.68 -32.75 -2.32
C ARG B 39 -34.76 -34.25 -2.56
N LEU B 40 -35.09 -34.97 -1.50
CA LEU B 40 -35.22 -36.41 -1.55
C LEU B 40 -36.68 -36.75 -1.75
N GLU B 41 -36.93 -37.74 -2.61
CA GLU B 41 -38.28 -38.22 -2.90
C GLU B 41 -38.22 -39.75 -2.96
N VAL B 42 -38.87 -40.41 -2.01
CA VAL B 42 -38.80 -41.86 -1.84
C VAL B 42 -40.20 -42.45 -1.88
N SER B 43 -40.35 -43.60 -2.55
CA SER B 43 -41.58 -44.38 -2.43
C SER B 43 -41.22 -45.80 -2.00
N PRO B 44 -41.92 -46.38 -1.02
CA PRO B 44 -43.06 -45.83 -0.29
C PRO B 44 -42.73 -44.53 0.40
N GLU B 45 -43.70 -43.61 0.45
CA GLU B 45 -43.44 -42.28 0.97
C GLU B 45 -42.90 -42.39 2.39
N PRO B 46 -41.92 -41.54 2.77
CA PRO B 46 -41.24 -41.73 4.06
C PRO B 46 -41.94 -41.07 5.26
N ASP B 47 -42.35 -41.88 6.25
CA ASP B 47 -42.88 -41.38 7.51
C ASP B 47 -41.73 -40.80 8.34
N PHE B 48 -41.49 -39.51 8.21
CA PHE B 48 -40.57 -38.77 9.07
C PHE B 48 -40.70 -39.24 10.52
N ILE B 49 -39.61 -39.80 11.06
CA ILE B 49 -39.54 -40.13 12.48
C ILE B 49 -38.71 -39.06 13.17
N GLY B 50 -37.41 -39.33 13.35
CA GLY B 50 -36.57 -38.48 14.16
C GLY B 50 -35.29 -38.07 13.44
N ALA B 51 -34.46 -37.32 14.18
CA ALA B 51 -33.25 -36.71 13.62
C ALA B 51 -32.33 -36.25 14.74
N SER B 52 -31.04 -36.18 14.42
CA SER B 52 -29.99 -35.93 15.41
C SER B 52 -28.74 -35.46 14.68
N SER B 53 -28.10 -34.41 15.19
CA SER B 53 -27.16 -33.64 14.38
C SER B 53 -25.95 -33.19 15.18
N THR B 54 -24.75 -33.51 14.68
CA THR B 54 -23.53 -32.84 15.11
C THR B 54 -23.34 -31.59 14.25
N PHE B 55 -22.21 -30.90 14.40
CA PHE B 55 -21.85 -29.93 13.40
C PHE B 55 -21.12 -30.54 12.20
N THR B 56 -20.69 -31.80 12.30
CA THR B 56 -20.08 -32.45 11.16
C THR B 56 -20.78 -33.73 10.72
N ARG B 57 -21.92 -34.10 11.32
CA ARG B 57 -22.66 -35.31 10.94
C ARG B 57 -24.09 -35.28 11.48
N ALA B 58 -25.07 -35.35 10.57
CA ALA B 58 -26.51 -35.26 10.87
C ALA B 58 -27.27 -36.45 10.28
N VAL B 59 -27.94 -37.23 11.12
CA VAL B 59 -28.74 -38.36 10.67
C VAL B 59 -30.23 -38.03 10.78
N SER B 60 -30.99 -38.50 9.78
CA SER B 60 -32.45 -38.50 9.83
C SER B 60 -32.93 -39.93 9.77
N HIS B 61 -34.03 -40.21 10.45
CA HIS B 61 -34.65 -41.52 10.50
C HIS B 61 -36.06 -41.45 9.95
N PHE B 62 -36.42 -42.45 9.15
CA PHE B 62 -37.74 -42.52 8.55
C PHE B 62 -38.19 -43.97 8.54
N SER B 63 -39.46 -44.19 8.84
CA SER B 63 -40.09 -45.48 8.60
C SER B 63 -40.66 -45.46 7.18
N LEU B 64 -40.82 -46.64 6.61
CA LEU B 64 -41.39 -46.76 5.26
C LEU B 64 -42.48 -47.82 5.35
N GLY B 65 -43.68 -47.37 5.70
CA GLY B 65 -44.77 -48.29 5.93
C GLY B 65 -44.47 -49.13 7.15
N GLU B 66 -44.80 -50.42 7.08
CA GLU B 66 -44.45 -51.36 8.13
C GLU B 66 -43.32 -52.29 7.71
N ARG B 67 -42.75 -52.04 6.54
CA ARG B 67 -41.82 -52.95 5.91
C ARG B 67 -40.37 -52.50 6.03
N GLY B 68 -40.12 -51.21 6.24
CA GLY B 68 -38.78 -50.68 6.08
C GLY B 68 -38.48 -49.41 6.86
N ILE B 69 -37.19 -49.09 6.93
CA ILE B 69 -36.66 -47.94 7.63
C ILE B 69 -35.61 -47.30 6.73
N LEU B 70 -35.54 -45.97 6.73
CA LEU B 70 -34.47 -45.25 6.05
C LEU B 70 -33.64 -44.49 7.07
N VAL B 71 -32.31 -44.57 6.94
CA VAL B 71 -31.37 -43.82 7.79
C VAL B 71 -30.60 -42.90 6.85
N ARG B 72 -30.92 -41.61 6.85
CA ARG B 72 -30.29 -40.63 5.97
C ARG B 72 -29.20 -39.90 6.75
N LEU B 73 -27.94 -40.10 6.35
CA LEU B 73 -26.76 -39.57 7.04
C LEU B 73 -26.02 -38.61 6.12
N ARG B 74 -25.89 -37.36 6.55
CA ARG B 74 -25.26 -36.30 5.75
C ARG B 74 -23.95 -35.85 6.43
N THR B 75 -22.81 -36.18 5.82
CA THR B 75 -21.51 -35.74 6.31
C THR B 75 -21.06 -34.46 5.63
N LEU B 76 -20.13 -33.76 6.27
CA LEU B 76 -19.50 -32.59 5.65
C LEU B 76 -18.09 -32.49 6.18
N ASP B 77 -17.13 -32.59 5.28
CA ASP B 77 -15.70 -32.67 5.58
C ASP B 77 -14.97 -32.30 4.30
N GLY B 78 -14.96 -31.01 3.98
CA GLY B 78 -14.70 -30.58 2.62
C GLY B 78 -15.77 -31.07 1.67
N VAL B 79 -15.83 -32.38 1.49
CA VAL B 79 -16.84 -33.03 0.66
C VAL B 79 -18.16 -33.08 1.43
N TYR B 80 -19.24 -32.68 0.77
CA TYR B 80 -20.59 -32.90 1.29
C TYR B 80 -21.14 -34.20 0.72
N GLU B 81 -21.59 -35.10 1.60
CA GLU B 81 -22.03 -36.44 1.22
C GLU B 81 -23.34 -36.77 1.92
N GLU B 82 -24.24 -37.42 1.19
CA GLU B 82 -25.47 -37.97 1.74
C GLU B 82 -25.47 -39.48 1.55
N LYS B 83 -25.64 -40.23 2.63
CA LYS B 83 -25.64 -41.68 2.62
C LYS B 83 -27.04 -42.13 3.02
N LEU B 84 -27.71 -42.88 2.15
CA LEU B 84 -29.07 -43.34 2.37
C LEU B 84 -29.07 -44.86 2.52
N SER B 85 -29.19 -45.35 3.75
CA SER B 85 -29.13 -46.78 4.07
C SER B 85 -30.54 -47.33 4.26
N PHE B 86 -30.90 -48.37 3.49
CA PHE B 86 -32.27 -48.87 3.40
C PHE B 86 -32.38 -50.22 4.07
N TYR B 87 -33.28 -50.32 5.04
CA TYR B 87 -33.40 -51.50 5.89
C TYR B 87 -34.79 -52.11 5.73
N ASN B 88 -34.83 -53.42 5.43
CA ASN B 88 -36.06 -54.18 5.34
C ASN B 88 -36.27 -54.94 6.63
N THR B 89 -37.28 -54.53 7.42
CA THR B 89 -37.65 -55.22 8.66
C THR B 89 -38.65 -56.36 8.46
N SER B 90 -39.18 -56.53 7.24
CA SER B 90 -40.14 -57.58 6.90
C SER B 90 -39.43 -58.85 6.44
N GLU B 91 -40.14 -59.97 6.56
CA GLU B 91 -39.67 -61.25 6.02
C GLU B 91 -40.17 -61.49 4.61
N GLU B 92 -41.21 -60.77 4.21
CA GLU B 92 -41.46 -60.52 2.79
C GLU B 92 -40.30 -59.69 2.28
N SER B 93 -40.40 -59.27 1.02
CA SER B 93 -39.38 -58.43 0.38
C SER B 93 -39.80 -56.95 0.42
N LEU B 94 -39.03 -56.09 -0.23
CA LEU B 94 -39.35 -54.67 -0.22
C LEU B 94 -38.86 -53.81 -1.38
N GLY B 95 -39.73 -53.55 -2.36
CA GLY B 95 -39.39 -52.69 -3.46
C GLY B 95 -39.58 -51.24 -3.03
N VAL B 96 -38.53 -50.44 -3.20
CA VAL B 96 -38.53 -49.01 -2.87
C VAL B 96 -38.01 -48.22 -4.06
N LYS B 97 -38.58 -47.04 -4.25
CA LYS B 97 -38.32 -46.20 -5.41
C LYS B 97 -37.78 -44.86 -4.92
N VAL B 98 -36.54 -44.52 -5.30
CA VAL B 98 -35.93 -43.29 -4.81
C VAL B 98 -35.50 -42.41 -5.98
N ARG B 99 -35.52 -41.10 -5.72
CA ARG B 99 -35.44 -40.09 -6.76
C ARG B 99 -34.97 -38.79 -6.09
N TYR B 100 -33.71 -38.42 -6.33
CA TYR B 100 -33.06 -37.30 -5.66
C TYR B 100 -32.74 -36.19 -6.65
N SER B 101 -33.26 -35.01 -6.39
CA SER B 101 -33.13 -33.86 -7.27
C SER B 101 -32.35 -32.77 -6.55
N TYR B 102 -31.28 -32.29 -7.19
CA TYR B 102 -30.56 -31.12 -6.70
C TYR B 102 -30.37 -30.10 -7.81
N GLU B 103 -29.60 -29.06 -7.53
CA GLU B 103 -29.31 -28.01 -8.48
C GLU B 103 -27.95 -27.48 -8.09
N ALA B 104 -27.09 -27.18 -9.06
CA ALA B 104 -25.69 -26.86 -8.78
C ALA B 104 -25.30 -25.48 -9.30
N PRO B 105 -25.77 -24.40 -8.66
CA PRO B 105 -25.41 -23.04 -9.11
C PRO B 105 -24.22 -22.43 -8.41
N ILE B 106 -23.00 -22.63 -8.90
CA ILE B 106 -21.81 -22.13 -8.23
C ILE B 106 -21.81 -20.59 -8.19
N GLU B 107 -22.80 -20.03 -7.50
CA GLU B 107 -23.01 -18.59 -7.39
C GLU B 107 -22.37 -18.05 -6.12
N ASP B 108 -22.13 -16.75 -6.10
CA ASP B 108 -21.47 -16.11 -4.96
C ASP B 108 -22.48 -15.81 -3.85
N ILE B 109 -21.97 -15.56 -2.64
CA ILE B 109 -22.84 -15.35 -1.49
C ILE B 109 -23.69 -14.12 -1.68
N PHE B 110 -23.10 -13.06 -2.24
CA PHE B 110 -23.86 -11.83 -2.39
C PHE B 110 -24.99 -12.01 -3.40
N GLN B 111 -24.82 -12.92 -4.36
CA GLN B 111 -25.98 -13.24 -5.19
C GLN B 111 -27.10 -13.83 -4.32
N VAL B 112 -26.74 -14.55 -3.26
CA VAL B 112 -27.71 -15.22 -2.38
C VAL B 112 -28.40 -14.24 -1.46
N ARG B 113 -27.66 -13.24 -0.99
CA ARG B 113 -28.17 -12.21 -0.09
C ARG B 113 -28.89 -11.07 -0.82
N GLY B 114 -29.00 -11.11 -2.14
CA GLY B 114 -29.54 -9.96 -2.84
C GLY B 114 -28.77 -8.66 -2.66
N PHE B 115 -27.65 -8.70 -1.94
CA PHE B 115 -26.72 -7.58 -1.84
C PHE B 115 -26.46 -6.96 -3.21
N MET B 116 -26.54 -5.62 -3.30
CA MET B 116 -26.38 -4.88 -4.57
C MET B 116 -27.31 -5.42 -5.67
N GLY B 117 -28.47 -5.94 -5.26
CA GLY B 117 -29.47 -6.39 -6.21
C GLY B 117 -29.04 -7.55 -7.08
N LEU B 118 -27.90 -8.17 -6.76
CA LEU B 118 -27.47 -9.32 -7.54
C LEU B 118 -28.50 -10.43 -7.41
N LYS B 119 -28.76 -11.14 -8.50
CA LYS B 119 -29.81 -12.15 -8.60
C LYS B 119 -29.19 -13.55 -8.52
N SER B 120 -30.06 -14.57 -8.56
CA SER B 120 -29.65 -15.97 -8.48
C SER B 120 -28.93 -16.41 -9.75
N GLY B 121 -28.31 -17.60 -9.68
CA GLY B 121 -27.56 -18.16 -10.78
C GLY B 121 -28.29 -19.32 -11.44
N LYS B 122 -27.84 -19.64 -12.64
CA LYS B 122 -28.37 -20.77 -13.39
C LYS B 122 -27.96 -22.08 -12.70
N ALA B 123 -28.69 -23.15 -13.00
CA ALA B 123 -28.25 -24.51 -12.72
C ALA B 123 -27.29 -24.97 -13.81
N ILE B 124 -26.06 -25.37 -13.42
CA ILE B 124 -25.03 -25.74 -14.39
C ILE B 124 -25.21 -27.21 -14.78
N ALA B 125 -24.73 -27.59 -15.99
CA ALA B 125 -24.94 -28.99 -16.37
C ALA B 125 -23.66 -29.81 -16.22
N PRO B 126 -23.79 -31.06 -15.79
CA PRO B 126 -22.59 -31.89 -15.56
C PRO B 126 -21.88 -32.26 -16.87
N ALA B 127 -20.59 -32.57 -16.74
CA ALA B 127 -19.74 -33.04 -17.82
C ALA B 127 -18.97 -34.25 -17.26
N GLY B 128 -19.50 -35.45 -17.47
CA GLY B 128 -18.96 -36.61 -16.81
C GLY B 128 -19.20 -36.62 -15.31
N GLY B 129 -20.19 -35.85 -14.86
CA GLY B 129 -20.44 -35.62 -13.45
C GLY B 129 -19.83 -34.36 -12.85
N THR B 130 -19.66 -33.29 -13.64
CA THR B 130 -18.92 -32.10 -13.20
C THR B 130 -19.65 -30.83 -13.65
N HIS B 131 -20.09 -30.02 -12.68
CA HIS B 131 -20.60 -28.67 -12.93
C HIS B 131 -19.48 -27.64 -12.74
N VAL B 132 -19.35 -26.71 -13.70
CA VAL B 132 -18.20 -25.80 -13.75
C VAL B 132 -18.66 -24.35 -13.93
N LYS B 133 -17.87 -23.42 -13.38
CA LYS B 133 -18.01 -21.98 -13.66
C LYS B 133 -16.63 -21.32 -13.61
N GLU B 134 -16.23 -20.68 -14.70
CA GLU B 134 -14.92 -20.06 -14.84
C GLU B 134 -14.98 -18.57 -14.48
N SER B 135 -13.81 -17.98 -14.21
CA SER B 135 -13.74 -16.57 -13.87
C SER B 135 -12.25 -16.16 -13.79
N PRO B 136 -11.95 -14.84 -13.86
CA PRO B 136 -10.56 -14.40 -13.64
C PRO B 136 -10.00 -14.81 -12.29
N SER B 137 -10.87 -15.07 -11.31
CA SER B 137 -10.37 -15.43 -9.98
C SER B 137 -9.70 -16.79 -9.98
N GLY B 138 -10.09 -17.64 -10.92
CA GLY B 138 -9.76 -19.05 -10.87
C GLY B 138 -11.01 -19.81 -11.19
N ARG B 139 -10.89 -21.11 -11.42
CA ARG B 139 -12.06 -21.92 -11.73
C ARG B 139 -12.68 -22.48 -10.46
N ARG B 140 -14.01 -22.63 -10.49
CA ARG B 140 -14.81 -23.11 -9.36
C ARG B 140 -15.75 -24.19 -9.89
N SER B 141 -15.47 -25.45 -9.56
CA SER B 141 -16.29 -26.53 -10.07
C SER B 141 -16.67 -27.49 -8.95
N LEU B 142 -17.76 -28.23 -9.18
CA LEU B 142 -18.34 -29.13 -8.20
C LEU B 142 -18.60 -30.49 -8.87
N SER B 143 -17.88 -31.52 -8.44
CA SER B 143 -18.02 -32.86 -8.99
C SER B 143 -18.96 -33.71 -8.15
N ILE B 144 -19.82 -34.46 -8.83
CA ILE B 144 -20.87 -35.23 -8.18
C ILE B 144 -20.57 -36.71 -8.40
N GLU B 145 -20.55 -37.48 -7.33
CA GLU B 145 -20.47 -38.92 -7.49
C GLU B 145 -21.61 -39.56 -6.73
N THR B 146 -21.97 -40.76 -7.18
CA THR B 146 -23.07 -41.55 -6.65
C THR B 146 -23.10 -42.88 -7.39
N ASN B 147 -23.65 -43.88 -6.70
CA ASN B 147 -23.84 -45.20 -7.28
C ASN B 147 -25.28 -45.41 -7.74
N MET B 148 -25.97 -44.33 -8.09
CA MET B 148 -27.18 -44.39 -8.89
C MET B 148 -26.94 -43.77 -10.26
N GLU B 149 -27.84 -44.07 -11.19
CA GLU B 149 -27.67 -43.57 -12.55
C GLU B 149 -27.95 -42.06 -12.59
N ARG B 150 -26.93 -41.31 -12.99
CA ARG B 150 -26.96 -39.85 -13.10
C ARG B 150 -27.65 -39.46 -14.40
N GLU B 151 -28.67 -38.61 -14.32
CA GLU B 151 -29.40 -38.15 -15.50
C GLU B 151 -29.52 -36.63 -15.43
N GLY B 152 -28.39 -35.95 -15.67
CA GLY B 152 -28.29 -34.50 -15.70
C GLY B 152 -28.14 -33.84 -14.35
N SER B 153 -29.25 -33.34 -13.83
CA SER B 153 -29.34 -32.80 -12.49
C SER B 153 -30.28 -33.62 -11.61
N LEU B 154 -30.47 -34.91 -11.90
CA LEU B 154 -31.31 -35.73 -11.06
C LEU B 154 -30.89 -37.19 -11.12
N LEU B 155 -31.09 -37.87 -10.01
CA LEU B 155 -30.54 -39.19 -9.78
C LEU B 155 -31.69 -40.09 -9.37
N ARG B 156 -31.63 -41.36 -9.76
CA ARG B 156 -32.69 -42.29 -9.40
C ARG B 156 -32.19 -43.72 -9.52
N ALA B 157 -32.82 -44.60 -8.74
CA ALA B 157 -32.68 -46.05 -8.89
C ALA B 157 -33.82 -46.68 -8.10
N GLU B 158 -34.01 -47.98 -8.29
CA GLU B 158 -35.10 -48.66 -7.60
C GLU B 158 -34.65 -50.05 -7.19
N LEU B 159 -35.03 -50.41 -5.96
CA LEU B 159 -34.41 -51.48 -5.18
C LEU B 159 -35.41 -52.56 -4.85
N GLU B 160 -35.03 -53.82 -5.03
CA GLU B 160 -35.75 -54.91 -4.37
C GLU B 160 -34.82 -55.53 -3.33
N ILE B 161 -35.10 -55.18 -2.08
CA ILE B 161 -34.24 -55.48 -0.93
C ILE B 161 -34.69 -56.79 -0.33
N PRO B 162 -33.84 -57.84 -0.29
CA PRO B 162 -34.26 -59.18 0.23
C PRO B 162 -34.68 -59.15 1.69
N PRO B 163 -35.41 -60.22 2.17
CA PRO B 163 -35.84 -60.26 3.58
C PRO B 163 -34.74 -59.97 4.59
N LEU B 164 -34.94 -58.94 5.40
CA LEU B 164 -33.97 -58.54 6.44
C LEU B 164 -32.65 -58.11 5.83
N GLY B 165 -32.71 -57.52 4.63
CA GLY B 165 -31.52 -57.09 3.92
C GLY B 165 -31.31 -55.60 3.99
N LYS B 166 -30.24 -55.17 3.32
CA LYS B 166 -29.77 -53.79 3.36
C LYS B 166 -29.47 -53.34 1.93
N ALA B 167 -29.57 -52.02 1.70
CA ALA B 167 -29.35 -51.46 0.37
C ALA B 167 -28.94 -49.99 0.51
N VAL B 168 -27.67 -49.69 0.29
CA VAL B 168 -27.12 -48.36 0.53
C VAL B 168 -26.98 -47.61 -0.79
N LEU B 169 -27.31 -46.32 -0.79
CA LEU B 169 -27.10 -45.46 -1.95
C LEU B 169 -26.69 -44.06 -1.52
N TYR B 170 -25.53 -43.59 -1.99
CA TYR B 170 -24.92 -42.36 -1.53
C TYR B 170 -24.96 -41.27 -2.60
N VAL B 171 -24.69 -40.02 -2.19
CA VAL B 171 -24.56 -38.89 -3.12
C VAL B 171 -23.49 -37.93 -2.58
N ARG B 172 -22.46 -37.66 -3.39
CA ARG B 172 -21.30 -36.89 -2.95
C ARG B 172 -21.14 -35.62 -3.79
N PHE B 173 -21.07 -34.48 -3.12
CA PHE B 173 -20.78 -33.21 -3.78
C PHE B 173 -19.37 -32.81 -3.38
N ILE B 174 -18.47 -32.74 -4.36
CA ILE B 174 -17.07 -32.41 -4.13
C ILE B 174 -16.82 -31.03 -4.65
N PRO B 175 -16.53 -30.10 -3.74
CA PRO B 175 -16.27 -28.71 -4.13
C PRO B 175 -14.79 -28.37 -4.15
N LYS B 176 -14.33 -27.80 -5.27
CA LYS B 176 -12.94 -27.41 -5.42
C LYS B 176 -12.86 -26.00 -6.00
N ILE B 177 -11.75 -25.32 -5.76
CA ILE B 177 -11.59 -23.96 -6.25
C ILE B 177 -10.10 -23.75 -6.46
N GLU B 178 -9.74 -23.19 -7.60
CA GLU B 178 -8.35 -22.94 -7.91
C GLU B 178 -8.12 -21.44 -7.95
N GLY B 179 -6.85 -21.06 -7.93
CA GLY B 179 -6.47 -19.68 -7.76
C GLY B 179 -5.86 -19.42 -6.40
N SER B 180 -5.25 -18.26 -6.29
CA SER B 180 -4.38 -17.95 -5.16
C SER B 180 -5.17 -17.76 -3.87
N ILE B 181 -6.38 -18.31 -3.79
CA ILE B 181 -7.08 -18.37 -2.51
C ILE B 181 -6.56 -19.51 -1.66
N SER B 182 -6.19 -20.64 -2.28
CA SER B 182 -5.64 -21.73 -1.48
C SER B 182 -4.22 -21.44 -0.93
N GLU B 183 -3.75 -20.20 -1.05
CA GLU B 183 -2.56 -19.77 -0.31
C GLU B 183 -2.85 -19.64 1.18
N ILE B 184 -3.92 -18.92 1.58
CA ILE B 184 -4.18 -18.74 3.01
C ILE B 184 -4.54 -20.06 3.67
N LEU B 185 -5.30 -20.92 2.99
CA LEU B 185 -5.71 -22.18 3.59
C LEU B 185 -4.54 -22.95 4.20
N GLY B 186 -4.70 -23.38 5.45
CA GLY B 186 -3.71 -24.13 6.18
C GLY B 186 -4.09 -25.60 6.22
N GLU B 187 -3.17 -26.42 6.75
CA GLU B 187 -3.44 -27.85 6.86
C GLU B 187 -3.81 -28.24 8.28
N LYS B 188 -3.47 -27.38 9.25
CA LYS B 188 -3.92 -27.50 10.64
C LYS B 188 -5.39 -27.91 10.67
N ARG B 189 -5.78 -28.75 11.64
CA ARG B 189 -7.19 -29.13 11.75
C ARG B 189 -7.66 -29.82 13.04
N LYS B 190 -7.13 -29.54 14.26
CA LYS B 190 -7.65 -30.21 15.47
C LYS B 190 -8.43 -29.24 16.35
N THR B 191 -9.58 -29.71 16.85
CA THR B 191 -10.59 -28.84 17.45
C THR B 191 -10.35 -28.59 18.93
N ILE B 192 -10.78 -27.41 19.39
CA ILE B 192 -10.68 -27.10 20.81
C ILE B 192 -11.64 -27.99 21.61
N LYS B 193 -11.41 -28.05 22.93
CA LYS B 193 -12.24 -28.79 23.86
C LYS B 193 -12.71 -27.83 24.94
N ASN B 194 -13.96 -27.97 25.36
CA ASN B 194 -14.49 -27.08 26.37
C ASN B 194 -13.67 -27.21 27.65
N VAL B 195 -13.44 -26.07 28.31
CA VAL B 195 -12.65 -26.04 29.54
C VAL B 195 -13.40 -25.52 30.76
N ALA B 196 -14.64 -25.04 30.63
CA ALA B 196 -15.42 -24.64 31.79
C ALA B 196 -16.38 -25.77 32.19
N PHE B 197 -16.56 -25.94 33.49
CA PHE B 197 -17.46 -26.94 34.03
C PHE B 197 -18.00 -26.39 35.35
N THR B 198 -19.30 -26.13 35.42
CA THR B 198 -19.86 -25.66 36.67
C THR B 198 -20.67 -26.72 37.39
N GLY B 199 -20.75 -27.94 36.85
CA GLY B 199 -21.53 -28.99 37.47
C GLY B 199 -23.02 -28.86 37.30
N SER B 200 -23.51 -27.75 36.76
CA SER B 200 -24.92 -27.57 36.51
C SER B 200 -25.19 -27.88 35.04
N PRO B 201 -25.87 -28.98 34.72
CA PRO B 201 -25.86 -29.46 33.33
C PRO B 201 -26.60 -28.55 32.38
N ALA B 202 -27.47 -27.69 32.90
CA ALA B 202 -28.13 -26.69 32.06
C ALA B 202 -27.14 -25.61 31.63
N ILE B 203 -26.22 -25.24 32.51
CA ILE B 203 -25.25 -24.20 32.16
C ILE B 203 -24.02 -24.79 31.49
N ASP B 204 -23.50 -25.91 32.00
CA ASP B 204 -22.43 -26.59 31.29
C ASP B 204 -22.80 -26.80 29.84
N GLY B 205 -24.10 -26.98 29.58
CA GLY B 205 -24.54 -27.21 28.22
C GLY B 205 -24.28 -26.01 27.34
N ILE B 206 -24.33 -24.81 27.93
CA ILE B 206 -24.08 -23.57 27.21
C ILE B 206 -22.69 -23.57 26.60
N PHE B 207 -21.66 -23.79 27.44
CA PHE B 207 -20.28 -23.80 26.96
C PHE B 207 -20.08 -24.88 25.89
N GLU B 208 -20.41 -26.13 26.22
CA GLU B 208 -20.16 -27.22 25.28
C GLU B 208 -20.77 -26.96 23.92
N ARG B 209 -21.75 -26.08 23.80
CA ARG B 209 -22.16 -25.70 22.46
C ARG B 209 -21.54 -24.39 21.99
N ALA B 210 -21.12 -23.49 22.90
CA ALA B 210 -20.22 -22.43 22.45
C ALA B 210 -18.92 -23.02 21.90
N VAL B 211 -18.50 -24.16 22.45
CA VAL B 211 -17.35 -24.87 21.90
C VAL B 211 -17.69 -25.53 20.57
N GLU B 212 -18.89 -26.12 20.46
CA GLU B 212 -19.31 -26.63 19.18
C GLU B 212 -19.47 -25.49 18.16
N ASN B 213 -20.09 -24.39 18.58
CA ASN B 213 -20.25 -23.26 17.68
C ASN B 213 -18.89 -22.83 17.12
N ILE B 214 -17.92 -22.63 18.01
CA ILE B 214 -16.65 -21.99 17.66
C ILE B 214 -15.79 -22.89 16.77
N ASN B 215 -15.82 -24.19 16.99
CA ASN B 215 -15.14 -25.06 16.05
C ASN B 215 -15.74 -24.98 14.65
N ALA B 216 -17.06 -25.06 14.57
CA ALA B 216 -17.71 -25.02 13.27
C ALA B 216 -17.38 -23.73 12.52
N LEU B 217 -17.08 -22.66 13.24
CA LEU B 217 -16.81 -21.37 12.62
C LEU B 217 -15.32 -21.11 12.44
N THR B 218 -14.46 -22.12 12.60
CA THR B 218 -13.01 -21.91 12.49
C THR B 218 -12.48 -22.26 11.11
N LEU B 219 -11.66 -21.36 10.56
CA LEU B 219 -11.00 -21.48 9.26
C LEU B 219 -9.50 -21.56 9.47
N PHE B 220 -8.92 -22.75 9.25
CA PHE B 220 -7.49 -22.90 9.45
C PHE B 220 -6.73 -22.31 8.27
N THR B 221 -5.90 -21.32 8.54
CA THR B 221 -5.01 -20.74 7.56
C THR B 221 -3.53 -21.04 7.88
N ARG B 222 -2.70 -20.84 6.85
CA ARG B 222 -1.27 -20.60 6.99
C ARG B 222 -0.95 -19.83 8.28
N PHE B 223 -1.67 -18.73 8.50
CA PHE B 223 -1.44 -17.87 9.65
C PHE B 223 -1.94 -18.47 10.97
N GLY B 224 -2.82 -19.47 10.93
CA GLY B 224 -3.36 -20.05 12.14
C GLY B 224 -4.86 -20.28 12.06
N PRO B 225 -5.52 -20.40 13.20
CA PRO B 225 -6.98 -20.58 13.18
C PRO B 225 -7.71 -19.26 13.27
N VAL B 226 -8.62 -18.95 12.34
CA VAL B 226 -9.31 -17.66 12.37
C VAL B 226 -10.83 -17.86 12.43
N PRO B 227 -11.54 -17.11 13.27
CA PRO B 227 -12.99 -17.32 13.43
C PRO B 227 -13.83 -16.60 12.38
N LEU B 228 -14.71 -17.35 11.72
CA LEU B 228 -15.76 -16.79 10.88
C LEU B 228 -16.79 -16.04 11.75
N ALA B 229 -17.34 -14.95 11.20
CA ALA B 229 -18.19 -14.06 11.99
C ALA B 229 -19.53 -14.71 12.34
N GLY B 230 -20.22 -15.27 11.33
CA GLY B 230 -21.48 -15.95 11.56
C GLY B 230 -22.00 -16.63 10.31
N ILE B 231 -23.11 -17.34 10.47
CA ILE B 231 -23.72 -18.12 9.41
C ILE B 231 -25.16 -17.67 9.24
N PRO B 232 -25.64 -17.41 8.01
CA PRO B 232 -24.96 -17.44 6.71
C PRO B 232 -24.64 -16.08 6.07
N TYR B 233 -25.13 -14.99 6.63
CA TYR B 233 -24.80 -13.68 6.07
C TYR B 233 -23.31 -13.39 6.13
N PHE B 234 -22.59 -13.97 7.10
CA PHE B 234 -21.26 -13.48 7.44
C PHE B 234 -20.25 -14.62 7.61
N ALA B 235 -20.27 -15.63 6.73
CA ALA B 235 -19.34 -16.76 6.87
C ALA B 235 -18.01 -16.51 6.14
N CYS B 236 -17.33 -15.45 6.54
CA CYS B 236 -16.01 -15.09 6.04
C CYS B 236 -15.33 -14.27 7.13
N PRO B 237 -14.00 -14.19 7.13
CA PRO B 237 -13.31 -13.46 8.21
C PRO B 237 -13.77 -12.01 8.23
N PHE B 238 -14.35 -11.61 9.35
CA PHE B 238 -14.71 -10.23 9.56
C PHE B 238 -13.77 -9.64 10.60
N GLY B 239 -13.33 -8.41 10.36
CA GLY B 239 -12.23 -7.80 11.08
C GLY B 239 -12.55 -7.44 12.51
N ARG B 240 -13.58 -6.62 12.70
CA ARG B 240 -14.04 -6.29 14.05
C ARG B 240 -14.61 -7.52 14.76
N ASP B 241 -15.28 -8.39 14.00
CA ASP B 241 -15.96 -9.56 14.54
C ASP B 241 -14.97 -10.65 14.95
N ALA B 242 -14.00 -11.00 14.09
CA ALA B 242 -12.98 -11.99 14.43
C ALA B 242 -12.02 -11.50 15.50
N ILE B 243 -11.83 -10.20 15.62
CA ILE B 243 -10.92 -9.64 16.63
C ILE B 243 -11.52 -9.80 18.02
N ILE B 244 -12.75 -9.30 18.21
CA ILE B 244 -13.41 -9.37 19.50
C ILE B 244 -13.62 -10.82 19.93
N ALA B 245 -13.99 -11.69 18.98
CA ALA B 245 -14.17 -13.10 19.31
C ALA B 245 -12.91 -13.67 19.95
N SER B 246 -11.74 -13.30 19.45
CA SER B 246 -10.49 -13.81 20.01
C SER B 246 -10.09 -13.10 21.29
N LEU B 247 -10.51 -11.84 21.46
CA LEU B 247 -10.37 -11.19 22.76
C LEU B 247 -11.07 -12.01 23.83
N PHE B 248 -12.36 -12.29 23.64
CA PHE B 248 -13.14 -13.09 24.60
C PHE B 248 -12.49 -14.44 24.85
N LEU B 249 -11.89 -15.02 23.82
CA LEU B 249 -11.26 -16.33 23.88
C LEU B 249 -9.81 -16.27 24.35
N LEU B 250 -9.29 -15.07 24.60
CA LEU B 250 -7.86 -14.93 24.92
C LEU B 250 -7.41 -15.80 26.11
N PRO B 251 -8.09 -15.82 27.25
CA PRO B 251 -7.60 -16.62 28.38
C PRO B 251 -7.81 -18.13 28.23
N TYR B 252 -8.32 -18.60 27.09
CA TYR B 252 -8.75 -19.99 26.99
C TYR B 252 -8.30 -20.68 25.70
N TYR B 253 -8.19 -19.96 24.58
CA TYR B 253 -7.76 -20.53 23.30
C TYR B 253 -7.00 -19.47 22.53
N PRO B 254 -5.83 -19.04 23.02
CA PRO B 254 -5.15 -17.89 22.42
C PRO B 254 -4.66 -18.11 20.99
N GLU B 255 -4.74 -19.34 20.46
CA GLU B 255 -4.39 -19.55 19.05
C GLU B 255 -5.32 -18.75 18.12
N TYR B 256 -6.49 -18.35 18.61
CA TYR B 256 -7.45 -17.58 17.81
C TYR B 256 -7.09 -16.10 17.74
N ALA B 257 -6.35 -15.60 18.73
CA ALA B 257 -5.87 -14.22 18.71
C ALA B 257 -4.57 -14.04 17.94
N ALA B 258 -3.70 -15.05 17.88
CA ALA B 258 -2.60 -14.99 16.94
C ALA B 258 -3.10 -15.16 15.51
N GLY B 259 -4.19 -15.90 15.35
CA GLY B 259 -4.72 -16.11 14.01
C GLY B 259 -5.25 -14.84 13.40
N THR B 260 -5.98 -14.03 14.18
CA THR B 260 -6.57 -12.84 13.58
C THR B 260 -5.55 -11.71 13.48
N LEU B 261 -4.63 -11.59 14.45
CA LEU B 261 -3.53 -10.62 14.33
C LEU B 261 -2.70 -10.89 13.07
N ARG B 262 -2.37 -12.16 12.82
CA ARG B 262 -1.62 -12.51 11.62
C ARG B 262 -2.41 -12.21 10.36
N LEU B 263 -3.58 -12.83 10.19
CA LEU B 263 -4.30 -12.69 8.92
C LEU B 263 -4.67 -11.23 8.64
N PHE B 264 -5.19 -10.53 9.65
CA PHE B 264 -5.53 -9.14 9.42
C PHE B 264 -4.30 -8.23 9.45
N GLY B 265 -3.18 -8.70 10.01
CA GLY B 265 -1.91 -8.02 9.73
C GLY B 265 -1.52 -8.10 8.26
N ARG B 266 -1.73 -9.28 7.62
CA ARG B 266 -1.34 -9.51 6.23
C ARG B 266 -2.26 -8.81 5.24
N LEU B 267 -3.51 -8.54 5.62
CA LEU B 267 -4.45 -7.81 4.79
C LEU B 267 -4.50 -6.31 5.12
N GLN B 268 -3.58 -5.84 5.96
CA GLN B 268 -3.56 -4.43 6.31
C GLN B 268 -3.37 -3.57 5.07
N GLY B 269 -4.09 -2.46 5.01
CA GLY B 269 -3.98 -1.57 3.88
C GLY B 269 -2.60 -0.95 3.80
N LYS B 270 -2.08 -0.87 2.58
CA LYS B 270 -0.83 -0.18 2.30
C LYS B 270 -1.00 1.05 1.39
N ARG B 271 -2.13 1.17 0.68
CA ARG B 271 -2.42 2.20 -0.32
C ARG B 271 -3.58 3.08 0.16
N THR B 272 -3.84 4.18 -0.56
CA THR B 272 -5.11 4.90 -0.46
C THR B 272 -5.95 4.53 -1.68
N ASN B 273 -7.15 4.02 -1.44
CA ASN B 273 -8.01 3.52 -2.50
C ASN B 273 -9.43 3.81 -2.04
N PRO B 274 -10.05 4.88 -2.52
CA PRO B 274 -11.41 5.21 -2.09
C PRO B 274 -12.46 4.19 -2.49
N LYS B 275 -12.17 3.26 -3.41
CA LYS B 275 -13.23 2.38 -3.89
C LYS B 275 -13.60 1.35 -2.83
N ASN B 276 -12.59 0.78 -2.18
CA ASN B 276 -12.75 -0.13 -1.04
C ASN B 276 -12.46 0.54 0.30
N GLU B 277 -12.25 1.86 0.30
CA GLU B 277 -11.87 2.66 1.46
C GLU B 277 -10.56 2.16 2.09
N GLU B 278 -9.69 1.55 1.29
CA GLU B 278 -8.34 1.17 1.70
C GLU B 278 -7.51 2.40 2.00
N GLU B 279 -6.81 2.38 3.14
CA GLU B 279 -5.99 3.50 3.61
C GLU B 279 -4.72 2.96 4.26
N PRO B 280 -3.62 3.71 4.21
CA PRO B 280 -2.35 3.18 4.75
C PRO B 280 -2.43 2.87 6.25
N GLY B 281 -2.19 1.61 6.59
CA GLY B 281 -2.22 1.15 7.96
C GLY B 281 -3.59 0.73 8.48
N LYS B 282 -4.65 0.91 7.70
CA LYS B 282 -6.03 0.64 8.14
C LYS B 282 -6.30 -0.86 8.15
N ILE B 283 -7.08 -1.29 9.13
CA ILE B 283 -7.44 -2.70 9.30
C ILE B 283 -8.75 -2.93 8.56
N PRO B 284 -8.90 -4.05 7.84
CA PRO B 284 -10.11 -4.27 7.01
C PRO B 284 -11.36 -4.63 7.80
N HIS B 285 -12.47 -4.67 7.08
CA HIS B 285 -13.73 -5.10 7.67
C HIS B 285 -14.10 -6.53 7.25
N GLU B 286 -14.30 -6.77 5.97
CA GLU B 286 -14.57 -8.13 5.54
C GLU B 286 -13.69 -8.51 4.37
N PHE B 287 -13.31 -9.79 4.34
CA PHE B 287 -12.43 -10.36 3.33
C PHE B 287 -13.14 -11.61 2.80
N ARG B 288 -13.95 -11.42 1.76
CA ARG B 288 -14.67 -12.53 1.15
C ARG B 288 -13.74 -13.39 0.30
N LEU B 289 -14.11 -14.66 0.17
CA LEU B 289 -13.35 -15.61 -0.63
C LEU B 289 -14.16 -16.13 -1.79
N GLY B 290 -15.08 -15.32 -2.30
CA GLY B 290 -15.85 -15.71 -3.46
C GLY B 290 -15.18 -15.31 -4.76
N GLU B 291 -15.79 -15.71 -5.88
CA GLU B 291 -15.23 -15.27 -7.16
C GLU B 291 -15.34 -13.75 -7.31
N LEU B 292 -16.50 -13.18 -6.95
CA LEU B 292 -16.75 -11.76 -7.16
C LEU B 292 -15.71 -10.89 -6.46
N ALA B 293 -15.43 -11.17 -5.18
CA ALA B 293 -14.49 -10.35 -4.43
C ALA B 293 -13.06 -10.53 -4.93
N GLN B 294 -12.69 -11.75 -5.32
CA GLN B 294 -11.34 -12.06 -5.79
C GLN B 294 -11.18 -11.91 -7.30
N SER B 295 -12.18 -11.38 -8.00
CA SER B 295 -12.09 -11.06 -9.43
C SER B 295 -12.03 -9.56 -9.67
N GLY B 296 -12.21 -8.74 -8.63
CA GLY B 296 -12.26 -7.29 -8.72
C GLY B 296 -13.64 -6.71 -9.00
N LYS B 297 -14.70 -7.54 -9.01
CA LYS B 297 -16.01 -7.11 -9.49
C LYS B 297 -16.84 -6.44 -8.39
N VAL B 298 -16.51 -6.72 -7.12
CA VAL B 298 -16.95 -5.92 -5.96
C VAL B 298 -15.81 -5.87 -4.96
N PRO B 299 -15.69 -4.74 -4.21
CA PRO B 299 -14.43 -4.44 -3.50
C PRO B 299 -14.26 -5.09 -2.13
N PHE B 300 -14.76 -6.30 -1.94
CA PHE B 300 -14.69 -6.95 -0.63
C PHE B 300 -13.60 -8.03 -0.63
N ALA B 301 -12.36 -7.62 -0.98
CA ALA B 301 -11.25 -8.56 -0.92
C ALA B 301 -9.91 -7.88 -0.73
N PRO B 302 -9.68 -7.15 0.38
CA PRO B 302 -10.51 -6.83 1.56
C PRO B 302 -11.23 -5.47 1.52
N TYR B 303 -12.41 -5.42 2.15
CA TYR B 303 -13.17 -4.18 2.33
C TYR B 303 -12.75 -3.50 3.61
N TYR B 304 -12.56 -2.18 3.54
CA TYR B 304 -11.99 -1.42 4.64
C TYR B 304 -13.04 -0.50 5.27
N GLY B 305 -14.31 -0.91 5.21
CA GLY B 305 -15.41 -0.14 5.77
C GLY B 305 -15.64 -0.37 7.26
N THR B 306 -14.64 -0.03 8.07
CA THR B 306 -14.82 0.10 9.50
C THR B 306 -13.66 0.90 10.07
N VAL B 307 -13.94 1.66 11.12
CA VAL B 307 -12.91 2.46 11.79
C VAL B 307 -12.73 2.06 13.25
N ASP B 308 -13.38 0.99 13.70
CA ASP B 308 -13.05 0.45 15.01
C ASP B 308 -12.05 -0.71 14.95
N ALA B 309 -11.95 -1.42 13.81
CA ALA B 309 -11.03 -2.56 13.70
C ALA B 309 -9.59 -2.16 13.98
N THR B 310 -9.19 -0.97 13.52
CA THR B 310 -7.78 -0.58 13.63
C THR B 310 -7.34 -0.34 15.07
N PRO B 311 -8.03 0.49 15.88
CA PRO B 311 -7.60 0.59 17.28
C PRO B 311 -7.76 -0.74 18.01
N LEU B 312 -8.70 -1.57 17.55
CA LEU B 312 -8.93 -2.85 18.21
C LEU B 312 -7.79 -3.81 17.93
N TYR B 313 -7.36 -3.90 16.66
CA TYR B 313 -6.22 -4.75 16.30
C TYR B 313 -5.00 -4.45 17.16
N VAL B 314 -4.73 -3.17 17.43
CA VAL B 314 -3.61 -2.80 18.29
C VAL B 314 -3.83 -3.27 19.72
N ALA B 315 -5.04 -3.03 20.27
CA ALA B 315 -5.28 -3.41 21.66
C ALA B 315 -5.44 -4.92 21.82
N LEU B 316 -5.81 -5.65 20.75
CA LEU B 316 -5.71 -7.11 20.84
C LEU B 316 -4.27 -7.57 20.86
N ALA B 317 -3.37 -6.91 20.11
CA ALA B 317 -1.95 -7.25 20.19
C ALA B 317 -1.40 -6.97 21.57
N GLY B 318 -1.68 -5.78 22.11
CA GLY B 318 -1.25 -5.47 23.47
C GLY B 318 -1.85 -6.39 24.52
N GLU B 319 -3.16 -6.64 24.42
CA GLU B 319 -3.77 -7.65 25.29
C GLU B 319 -3.18 -9.03 25.03
N TYR B 320 -2.88 -9.35 23.76
CA TYR B 320 -2.30 -10.65 23.46
C TYR B 320 -0.93 -10.80 24.10
N LEU B 321 -0.19 -9.70 24.20
CA LEU B 321 1.10 -9.72 24.87
C LEU B 321 0.94 -9.96 26.37
N ARG B 322 0.05 -9.21 27.02
CA ARG B 322 -0.09 -9.31 28.47
C ARG B 322 -0.60 -10.67 28.92
N TRP B 323 -1.24 -11.43 28.03
CA TRP B 323 -1.76 -12.75 28.38
C TRP B 323 -0.84 -13.89 27.96
N THR B 324 -0.19 -13.81 26.80
CA THR B 324 0.62 -14.92 26.28
C THR B 324 2.13 -14.77 26.49
N GLY B 325 2.64 -13.55 26.45
CA GLY B 325 4.08 -13.40 26.47
C GLY B 325 4.76 -13.85 25.21
N ASP B 326 4.01 -14.08 24.14
CA ASP B 326 4.62 -14.30 22.84
C ASP B 326 5.18 -12.96 22.35
N ARG B 327 6.30 -12.52 22.94
CA ARG B 327 6.87 -11.24 22.59
C ARG B 327 7.41 -11.23 21.16
N LYS B 328 7.67 -12.40 20.57
CA LYS B 328 8.20 -12.44 19.20
C LYS B 328 7.11 -12.34 18.15
N LEU B 329 5.85 -12.63 18.47
CA LEU B 329 4.80 -12.30 17.51
C LEU B 329 4.60 -10.79 17.42
N ILE B 330 4.66 -10.10 18.56
CA ILE B 330 4.64 -8.63 18.56
C ILE B 330 5.83 -8.06 17.78
N GLU B 331 6.97 -8.77 17.78
CA GLU B 331 8.09 -8.39 16.92
C GLU B 331 7.78 -8.68 15.46
N GLU B 332 7.24 -9.86 15.16
CA GLU B 332 6.95 -10.24 13.77
C GLU B 332 5.94 -9.29 13.13
N LEU B 333 5.13 -8.61 13.95
CA LEU B 333 4.10 -7.70 13.49
C LEU B 333 4.39 -6.26 13.91
N ARG B 334 5.52 -6.02 14.57
CA ARG B 334 6.01 -4.66 14.81
C ARG B 334 5.80 -3.73 13.61
N PRO B 335 6.15 -4.09 12.36
CA PRO B 335 5.85 -3.17 11.24
C PRO B 335 4.38 -2.81 11.12
N ASN B 336 3.51 -3.82 11.16
CA ASN B 336 2.07 -3.61 10.95
C ASN B 336 1.38 -3.01 12.16
N LEU B 337 2.01 -3.14 13.34
CA LEU B 337 1.50 -2.46 14.53
C LEU B 337 1.79 -0.96 14.48
N THR B 338 2.99 -0.57 14.02
CA THR B 338 3.27 0.84 13.75
C THR B 338 2.25 1.43 12.79
N ALA B 339 2.05 0.77 11.65
CA ALA B 339 1.22 1.33 10.59
C ALA B 339 -0.18 1.64 11.09
N ALA B 340 -0.67 0.89 12.08
CA ALA B 340 -1.98 1.19 12.65
C ALA B 340 -1.91 2.42 13.55
N VAL B 341 -0.95 2.47 14.47
CA VAL B 341 -0.78 3.65 15.33
C VAL B 341 -0.55 4.90 14.48
N GLU B 342 0.03 4.74 13.29
CA GLU B 342 0.16 5.86 12.36
C GLU B 342 -1.17 6.25 11.74
N TRP B 343 -2.01 5.24 11.45
CA TRP B 343 -3.33 5.51 10.92
C TRP B 343 -4.25 6.10 11.97
N ILE B 344 -4.01 5.80 13.24
CA ILE B 344 -4.87 6.35 14.28
C ILE B 344 -4.52 7.83 14.51
N LEU B 345 -3.21 8.17 14.51
CA LEU B 345 -2.75 9.53 14.77
C LEU B 345 -2.94 10.45 13.57
N LYS B 346 -3.11 9.90 12.37
CA LYS B 346 -3.42 10.69 11.17
C LYS B 346 -4.86 11.19 11.22
N LYS B 347 -5.75 10.41 11.81
CA LYS B 347 -7.14 10.83 11.97
C LYS B 347 -7.34 11.65 13.25
N LEU B 348 -6.47 11.47 14.26
CA LEU B 348 -6.49 12.27 15.48
C LEU B 348 -6.15 13.74 15.24
N ASP B 349 -5.63 14.09 14.05
CA ASP B 349 -5.44 15.50 13.67
C ASP B 349 -6.78 16.17 13.38
N ASP B 350 -7.82 15.38 13.09
CA ASP B 350 -9.19 15.88 13.04
C ASP B 350 -9.83 15.98 14.42
N GLY B 351 -9.21 15.42 15.46
CA GLY B 351 -9.67 15.53 16.86
C GLY B 351 -10.08 14.22 17.53
N TYR B 352 -10.94 13.49 16.81
CA TYR B 352 -11.33 12.10 17.06
C TYR B 352 -11.31 11.39 15.72
N ILE B 353 -11.26 10.06 15.71
CA ILE B 353 -11.37 9.37 14.43
C ILE B 353 -12.83 9.30 14.01
N THR B 354 -13.07 9.61 12.75
CA THR B 354 -14.40 9.76 12.19
C THR B 354 -14.62 8.68 11.14
N TYR B 355 -15.84 8.65 10.62
CA TYR B 355 -16.20 7.91 9.42
C TYR B 355 -17.41 8.64 8.85
N VAL B 356 -17.53 8.58 7.54
CA VAL B 356 -18.66 9.20 6.87
C VAL B 356 -19.29 8.02 6.15
N PRO B 357 -20.59 8.04 5.84
CA PRO B 357 -21.21 6.83 5.26
C PRO B 357 -20.53 6.44 3.96
N GLY B 358 -20.52 5.14 3.69
CA GLY B 358 -19.97 4.66 2.44
C GLY B 358 -20.91 3.74 1.71
N ILE B 359 -20.39 2.58 1.30
CA ILE B 359 -21.27 1.50 0.84
C ILE B 359 -22.17 1.03 1.99
N LEU B 360 -21.59 0.86 3.19
CA LEU B 360 -22.34 0.65 4.41
C LEU B 360 -22.82 1.99 4.97
N GLY B 361 -23.89 1.93 5.76
CA GLY B 361 -24.43 3.13 6.37
C GLY B 361 -23.48 3.78 7.35
N ASN B 362 -23.09 3.03 8.38
CA ASN B 362 -22.13 3.46 9.39
C ASN B 362 -20.92 2.55 9.36
N LYS B 363 -19.96 2.85 10.24
CA LYS B 363 -18.69 2.12 10.29
C LYS B 363 -18.18 1.89 11.71
N GLY B 364 -19.04 2.01 12.72
CA GLY B 364 -18.81 1.35 13.99
C GLY B 364 -19.39 -0.04 13.89
N TRP B 365 -19.52 -0.68 15.03
CA TRP B 365 -20.11 -2.02 14.96
C TRP B 365 -21.60 -2.01 14.61
N LYS B 366 -22.33 -0.92 14.89
CA LYS B 366 -23.69 -0.76 14.39
C LYS B 366 -23.56 -0.32 12.94
N ASP B 367 -23.57 -1.29 12.04
CA ASP B 367 -23.14 -1.09 10.66
C ASP B 367 -24.31 -1.10 9.68
N SER B 368 -25.54 -0.96 10.15
CA SER B 368 -26.63 -0.77 9.22
C SER B 368 -26.94 0.72 9.09
N ARG B 369 -27.80 1.08 8.13
CA ARG B 369 -27.93 2.49 7.77
C ARG B 369 -28.59 3.31 8.89
N ASP B 370 -29.46 2.69 9.69
CA ASP B 370 -30.19 3.36 10.75
C ASP B 370 -29.63 3.10 12.14
N GLY B 371 -28.54 2.33 12.26
CA GLY B 371 -28.02 1.96 13.57
C GLY B 371 -27.68 3.13 14.48
N ILE B 372 -27.27 4.26 13.90
CA ILE B 372 -26.79 5.41 14.69
C ILE B 372 -27.67 6.61 14.36
N ILE B 373 -28.39 7.11 15.38
CA ILE B 373 -29.45 8.10 15.19
C ILE B 373 -29.41 9.14 16.32
N ASP B 374 -30.01 10.30 16.04
CA ASP B 374 -30.02 11.40 17.00
C ASP B 374 -31.33 11.38 17.81
N GLU B 375 -31.64 12.51 18.47
CA GLU B 375 -32.78 12.56 19.40
C GLU B 375 -34.12 12.42 18.68
N GLU B 376 -34.23 12.92 17.46
CA GLU B 376 -35.46 12.84 16.68
C GLU B 376 -35.60 11.53 15.91
N GLY B 377 -34.56 10.70 15.91
CA GLY B 377 -34.54 9.53 15.06
C GLY B 377 -33.99 9.78 13.66
N LYS B 378 -33.23 10.85 13.47
CA LYS B 378 -32.67 11.20 12.17
C LYS B 378 -31.21 10.70 12.09
N ILE B 379 -30.79 10.34 10.89
CA ILE B 379 -29.39 9.93 10.67
C ILE B 379 -28.48 11.14 10.80
N PRO B 380 -27.52 11.13 11.73
CA PRO B 380 -26.71 12.33 11.97
C PRO B 380 -25.94 12.74 10.74
N LYS B 381 -25.45 13.95 10.77
CA LYS B 381 -24.77 14.34 9.54
C LYS B 381 -23.27 14.16 9.72
N PRO B 382 -22.62 13.41 8.82
CA PRO B 382 -21.20 13.10 9.00
C PRO B 382 -20.35 14.35 8.88
N PRO B 383 -19.05 14.29 9.27
CA PRO B 383 -18.27 13.14 9.79
C PRO B 383 -18.60 12.69 11.24
N ILE B 384 -18.85 11.38 11.45
CA ILE B 384 -19.40 10.84 12.69
C ILE B 384 -18.28 10.30 13.57
N ALA B 385 -18.29 10.68 14.85
CA ALA B 385 -17.30 10.27 15.85
C ALA B 385 -18.02 9.41 16.89
N LEU B 386 -18.11 8.10 16.63
CA LEU B 386 -18.77 7.22 17.57
C LEU B 386 -18.05 7.29 18.92
N VAL B 387 -18.81 7.03 19.98
CA VAL B 387 -18.18 7.04 21.29
C VAL B 387 -17.26 5.84 21.46
N GLU B 388 -17.73 4.63 21.06
CA GLU B 388 -16.96 3.41 21.31
C GLU B 388 -15.65 3.41 20.53
N VAL B 389 -15.64 4.04 19.36
CA VAL B 389 -14.44 4.07 18.54
C VAL B 389 -13.43 5.08 19.06
N GLN B 390 -13.85 6.01 19.92
CA GLN B 390 -12.89 6.81 20.65
C GLN B 390 -12.35 6.11 21.90
N GLY B 391 -13.16 5.25 22.53
CA GLY B 391 -12.63 4.41 23.59
C GLY B 391 -11.63 3.40 23.08
N TYR B 392 -11.89 2.84 21.89
CA TYR B 392 -10.96 1.87 21.31
C TYR B 392 -9.61 2.49 20.97
N THR B 393 -9.59 3.78 20.69
CA THR B 393 -8.33 4.41 20.35
C THR B 393 -7.52 4.72 21.61
N TYR B 394 -8.14 5.33 22.62
CA TYR B 394 -7.45 5.50 23.90
C TYR B 394 -6.83 4.18 24.32
N TRP B 395 -7.59 3.10 24.17
CA TRP B 395 -7.12 1.79 24.60
C TRP B 395 -5.90 1.34 23.81
N ALA B 396 -5.86 1.64 22.51
CA ALA B 396 -4.78 1.13 21.67
C ALA B 396 -3.46 1.82 22.00
N LEU B 397 -3.48 3.15 22.10
CA LEU B 397 -2.23 3.89 22.27
C LEU B 397 -1.70 3.84 23.71
N LYS B 398 -2.57 3.75 24.71
CA LYS B 398 -2.09 3.52 26.06
C LYS B 398 -1.25 2.25 26.16
N LEU B 399 -1.51 1.26 25.30
CA LEU B 399 -0.74 0.01 25.33
C LEU B 399 0.43 0.01 24.36
N ALA B 400 0.28 0.66 23.20
CA ALA B 400 1.39 0.80 22.27
C ALA B 400 2.58 1.49 22.91
N GLY B 401 2.37 2.28 23.96
CA GLY B 401 3.47 2.88 24.67
C GLY B 401 3.96 2.08 25.87
N GLU B 402 3.01 1.68 26.75
CA GLU B 402 3.34 1.02 28.01
C GLU B 402 4.04 -0.32 27.83
N LEU B 403 3.87 -0.98 26.67
CA LEU B 403 4.46 -2.28 26.38
C LEU B 403 5.31 -2.26 25.12
N SER B 404 5.55 -1.09 24.54
CA SER B 404 6.50 -0.89 23.45
C SER B 404 6.16 -1.79 22.26
N LEU B 405 4.92 -1.69 21.80
CA LEU B 405 4.48 -2.57 20.72
C LEU B 405 4.93 -2.08 19.36
N THR B 406 5.34 -0.80 19.26
CA THR B 406 5.65 -0.10 18.01
C THR B 406 6.99 0.63 18.12
N ASP B 407 7.47 1.15 16.97
CA ASP B 407 8.75 1.86 16.87
C ASP B 407 8.69 3.30 17.36
N LEU B 408 7.49 3.87 17.43
CA LEU B 408 7.29 5.29 17.70
C LEU B 408 7.50 5.61 19.18
N ASP B 409 7.79 6.87 19.45
CA ASP B 409 8.23 7.27 20.78
C ASP B 409 7.08 7.07 21.76
N GLU B 410 7.41 6.49 22.91
CA GLU B 410 6.37 6.06 23.84
C GLU B 410 5.84 7.26 24.64
N LYS B 411 6.73 8.05 25.23
CA LYS B 411 6.32 9.15 26.12
C LYS B 411 5.42 10.18 25.42
N THR B 412 5.44 10.24 24.08
CA THR B 412 4.51 11.08 23.31
C THR B 412 3.28 10.32 22.84
N LEU B 413 3.37 8.99 22.69
CA LEU B 413 2.16 8.22 22.47
C LEU B 413 1.25 8.36 23.67
N LEU B 414 1.82 8.19 24.86
CA LEU B 414 1.09 8.36 26.11
C LEU B 414 0.62 9.79 26.33
N ALA B 415 1.29 10.77 25.73
CA ALA B 415 0.86 12.16 25.83
C ALA B 415 -0.25 12.49 24.82
N GLU B 416 -0.31 11.81 23.68
CA GLU B 416 -1.40 12.08 22.77
C GLU B 416 -2.66 11.31 23.15
N ALA B 417 -2.55 10.33 24.05
CA ALA B 417 -3.73 9.66 24.60
C ALA B 417 -4.48 10.55 25.59
N GLU B 418 -3.79 11.06 26.64
CA GLU B 418 -4.45 11.93 27.63
C GLU B 418 -4.93 13.23 27.01
N LYS B 419 -4.21 13.77 26.00
CA LYS B 419 -4.73 14.86 25.17
C LYS B 419 -6.05 14.46 24.52
N LEU B 420 -6.20 13.17 24.17
CA LEU B 420 -7.46 12.65 23.65
C LEU B 420 -8.47 12.35 24.76
N LYS B 421 -7.98 11.98 25.94
CA LYS B 421 -8.84 11.67 27.08
C LYS B 421 -9.49 12.93 27.65
N LYS B 422 -8.70 13.96 27.96
CA LYS B 422 -9.30 15.17 28.49
C LYS B 422 -10.11 15.92 27.44
N ARG B 423 -9.85 15.67 26.15
CA ARG B 423 -10.68 16.23 25.09
C ARG B 423 -12.01 15.53 25.01
N PHE B 424 -12.01 14.20 25.20
CA PHE B 424 -13.18 13.36 25.03
C PHE B 424 -14.13 13.46 26.21
N ASN B 425 -13.61 13.24 27.43
CA ASN B 425 -14.43 13.27 28.63
C ASN B 425 -15.19 14.59 28.77
N ARG B 426 -14.57 15.70 28.35
CA ARG B 426 -15.26 16.98 28.34
C ARG B 426 -15.95 17.25 27.02
N ASP B 427 -16.22 16.21 26.22
CA ASP B 427 -16.96 16.38 24.98
C ASP B 427 -18.07 15.37 24.77
N PHE B 428 -18.03 14.19 25.39
CA PHE B 428 -19.10 13.22 25.24
C PHE B 428 -20.00 13.14 26.48
N TRP B 429 -19.56 13.68 27.61
CA TRP B 429 -20.30 13.56 28.86
C TRP B 429 -21.44 14.58 28.92
N LEU B 430 -22.62 14.13 29.35
CA LEU B 430 -23.82 14.96 29.39
C LEU B 430 -24.41 15.01 30.80
N GLY B 431 -23.55 14.90 31.83
CA GLY B 431 -23.93 14.92 33.23
C GLY B 431 -24.49 13.60 33.73
N SER B 432 -25.11 12.86 32.80
CA SER B 432 -25.88 11.65 33.07
C SER B 432 -25.37 10.41 32.34
N TYR B 433 -24.74 10.60 31.17
CA TYR B 433 -24.29 9.50 30.30
C TYR B 433 -23.35 10.07 29.25
N TYR B 434 -22.53 9.19 28.65
CA TYR B 434 -21.70 9.61 27.53
C TYR B 434 -22.51 9.54 26.23
N ALA B 435 -22.42 10.60 25.42
CA ALA B 435 -23.17 10.67 24.17
C ALA B 435 -22.81 9.52 23.26
N LEU B 436 -23.65 9.29 22.25
CA LEU B 436 -23.38 8.20 21.32
C LEU B 436 -22.32 8.58 20.29
N ALA B 437 -22.26 9.86 19.92
CA ALA B 437 -21.50 10.34 18.78
C ALA B 437 -21.67 11.86 18.68
N LEU B 438 -20.69 12.52 18.09
CA LEU B 438 -20.83 13.89 17.60
C LEU B 438 -20.97 13.85 16.09
N ASP B 439 -21.90 14.65 15.55
CA ASP B 439 -22.00 14.75 14.10
C ASP B 439 -20.98 15.78 13.60
N GLY B 440 -21.00 16.03 12.27
CA GLY B 440 -19.93 16.77 11.62
C GLY B 440 -19.77 18.21 12.08
N GLU B 441 -20.80 18.78 12.70
CA GLU B 441 -20.75 20.13 13.26
C GLU B 441 -20.52 20.13 14.77
N GLY B 442 -20.27 18.95 15.36
CA GLY B 442 -19.90 18.86 16.76
C GLY B 442 -21.04 18.71 17.75
N ARG B 443 -22.30 18.63 17.29
CA ARG B 443 -23.46 18.47 18.18
C ARG B 443 -23.46 17.08 18.81
N PRO B 444 -23.44 16.95 20.15
CA PRO B 444 -23.57 15.62 20.76
C PRO B 444 -24.91 14.99 20.43
N LEU B 445 -24.88 13.68 20.17
CA LEU B 445 -26.11 12.92 19.94
C LEU B 445 -26.66 12.45 21.29
N ARG B 446 -27.64 13.21 21.81
CA ARG B 446 -28.16 13.08 23.16
C ARG B 446 -29.00 11.83 23.37
N VAL B 447 -28.50 10.67 22.95
CA VAL B 447 -29.26 9.44 22.93
C VAL B 447 -28.56 8.44 23.85
N VAL B 448 -29.19 8.12 24.99
CA VAL B 448 -28.70 7.13 25.94
C VAL B 448 -28.53 5.83 25.17
N SER B 449 -27.28 5.43 24.97
CA SER B 449 -26.86 4.33 24.11
C SER B 449 -26.12 3.28 24.93
N SER B 450 -25.99 2.08 24.36
CA SER B 450 -25.15 1.06 24.96
C SER B 450 -23.70 1.11 24.50
N ASN B 451 -23.42 1.79 23.36
CA ASN B 451 -22.04 1.90 22.89
C ASN B 451 -21.13 2.42 23.98
N MET B 452 -21.66 3.24 24.89
CA MET B 452 -20.82 3.88 25.92
C MET B 452 -20.30 2.87 26.93
N GLY B 453 -21.02 1.78 27.18
CA GLY B 453 -20.51 0.76 28.06
C GLY B 453 -19.22 0.11 27.60
N HIS B 454 -18.80 0.34 26.35
CA HIS B 454 -17.50 -0.13 25.90
C HIS B 454 -16.37 0.74 26.43
N LEU B 455 -16.68 1.95 26.86
CA LEU B 455 -15.65 2.81 27.44
C LEU B 455 -15.19 2.33 28.81
N LEU B 456 -15.94 1.44 29.47
CA LEU B 456 -15.48 0.94 30.77
C LEU B 456 -14.30 0.00 30.62
N LEU B 457 -14.17 -0.64 29.47
CA LEU B 457 -13.05 -1.56 29.21
C LEU B 457 -11.78 -0.81 28.84
N THR B 458 -11.91 0.38 28.27
CA THR B 458 -10.77 1.09 27.70
C THR B 458 -9.98 1.84 28.77
N GLY B 459 -10.67 2.41 29.76
CA GLY B 459 -10.08 3.37 30.67
C GLY B 459 -10.22 4.82 30.24
N ILE B 460 -10.86 5.09 29.10
CA ILE B 460 -10.94 6.46 28.62
C ILE B 460 -11.74 7.35 29.56
N ALA B 461 -12.76 6.80 30.22
CA ALA B 461 -13.83 7.61 30.78
C ALA B 461 -13.51 8.06 32.20
N GLU B 462 -13.96 9.28 32.57
CA GLU B 462 -13.69 9.75 33.93
C GLU B 462 -14.83 9.44 34.89
N HIS B 463 -16.10 9.51 34.44
CA HIS B 463 -17.25 9.20 35.30
C HIS B 463 -17.68 7.76 35.10
N GLU B 464 -16.70 6.85 35.26
CA GLU B 464 -16.96 5.43 35.01
C GLU B 464 -18.07 4.91 35.89
N GLU B 465 -18.15 5.39 37.14
CA GLU B 465 -19.11 4.84 38.10
C GLU B 465 -20.53 5.33 37.81
N GLU B 466 -20.72 6.60 37.46
CA GLU B 466 -22.05 6.98 36.99
C GLU B 466 -22.34 6.46 35.58
N LEU B 467 -21.31 5.97 34.87
CA LEU B 467 -21.50 5.34 33.56
C LEU B 467 -22.03 3.91 33.69
N ALA B 468 -21.53 3.18 34.68
CA ALA B 468 -22.09 1.87 35.00
C ALA B 468 -23.59 1.98 35.31
N GLU B 469 -23.97 2.86 36.26
CA GLU B 469 -25.34 2.83 36.79
C GLU B 469 -26.37 3.14 35.71
N ARG B 470 -26.09 4.12 34.83
CA ARG B 470 -27.02 4.40 33.74
C ARG B 470 -27.29 3.17 32.90
N LEU B 471 -26.28 2.30 32.73
CA LEU B 471 -26.43 1.13 31.88
C LEU B 471 -27.32 0.07 32.50
N PHE B 472 -27.67 0.19 33.78
CA PHE B 472 -28.48 -0.81 34.48
C PHE B 472 -29.88 -0.34 34.83
N ARG B 473 -30.23 0.95 34.61
CA ARG B 473 -31.62 1.35 34.77
C ARG B 473 -32.47 0.46 33.85
N PRO B 474 -33.77 0.31 34.11
CA PRO B 474 -34.53 -0.76 33.44
C PRO B 474 -35.02 -0.41 32.04
N ASP B 475 -34.83 0.85 31.61
CA ASP B 475 -34.98 1.23 30.21
C ASP B 475 -33.91 0.61 29.33
N MET B 476 -32.74 0.31 29.90
CA MET B 476 -31.68 -0.29 29.14
C MET B 476 -31.27 -1.69 29.61
N PHE B 477 -31.42 -2.02 30.90
CA PHE B 477 -31.10 -3.35 31.40
C PHE B 477 -32.37 -4.21 31.37
N SER B 478 -32.45 -5.07 30.37
CA SER B 478 -33.60 -5.95 30.16
C SER B 478 -33.48 -7.18 31.07
N ARG B 479 -34.38 -8.14 30.91
CA ARG B 479 -34.19 -9.39 31.64
C ARG B 479 -33.06 -10.22 31.06
N TYR B 480 -32.62 -9.92 29.84
CA TYR B 480 -31.67 -10.76 29.13
C TYR B 480 -30.45 -10.00 28.62
N GLY B 481 -30.20 -8.78 29.11
CA GLY B 481 -29.02 -8.05 28.71
C GLY B 481 -29.25 -6.55 28.54
N ILE B 482 -28.17 -5.78 28.41
CA ILE B 482 -28.31 -4.39 28.03
C ILE B 482 -28.66 -4.31 26.54
N ARG B 483 -29.60 -3.45 26.19
CA ARG B 483 -30.12 -3.28 24.84
C ARG B 483 -29.29 -2.28 24.05
N THR B 484 -29.30 -2.42 22.71
CA THR B 484 -28.49 -1.53 21.90
C THR B 484 -28.82 -0.06 22.19
N LEU B 485 -30.09 0.28 22.37
CA LEU B 485 -30.53 1.60 22.82
C LEU B 485 -31.50 1.45 23.99
N SER B 486 -31.81 2.57 24.66
CA SER B 486 -32.78 2.57 25.75
C SER B 486 -34.18 2.90 25.26
N ALA B 487 -35.19 2.27 25.90
CA ALA B 487 -36.55 2.23 25.37
C ALA B 487 -37.26 3.57 25.38
N LYS B 488 -36.75 4.56 26.10
CA LYS B 488 -37.45 5.84 26.03
C LYS B 488 -37.18 6.56 24.71
N GLU B 489 -36.26 6.06 23.89
CA GLU B 489 -35.75 6.85 22.76
C GLU B 489 -36.70 6.84 21.55
N LYS B 490 -36.92 8.03 20.98
CA LYS B 490 -37.86 8.22 19.87
C LYS B 490 -37.69 7.19 18.76
N ALA B 491 -36.53 6.55 18.68
CA ALA B 491 -36.24 5.53 17.67
C ALA B 491 -35.75 4.24 18.32
N TYR B 492 -36.36 3.82 19.42
CA TYR B 492 -36.12 2.49 19.97
C TYR B 492 -37.04 1.46 19.31
N ASN B 493 -36.45 0.30 18.98
CA ASN B 493 -37.21 -0.82 18.43
C ASN B 493 -36.60 -2.13 18.91
N PRO B 494 -37.37 -2.96 19.62
CA PRO B 494 -36.81 -4.20 20.18
C PRO B 494 -36.55 -5.28 19.13
N PHE B 495 -37.03 -5.12 17.90
CA PHE B 495 -36.71 -6.05 16.83
C PHE B 495 -35.95 -5.35 15.70
N SER B 496 -35.33 -4.22 16.00
CA SER B 496 -34.40 -3.57 15.09
C SER B 496 -33.06 -4.32 15.12
N TYR B 497 -32.18 -3.96 14.19
CA TYR B 497 -30.86 -4.56 14.15
C TYR B 497 -29.94 -3.94 15.19
N HIS B 498 -29.96 -2.59 15.33
CA HIS B 498 -29.01 -1.87 16.18
C HIS B 498 -29.64 -0.78 17.06
N ARG B 499 -30.97 -0.81 17.28
CA ARG B 499 -31.61 0.30 17.96
C ARG B 499 -32.53 -0.13 19.11
N GLY B 500 -32.40 -1.37 19.59
CA GLY B 500 -33.12 -1.77 20.78
C GLY B 500 -32.99 -3.24 21.15
N SER B 501 -32.56 -4.06 20.19
CA SER B 501 -32.32 -5.47 20.39
C SER B 501 -31.09 -5.71 21.26
N VAL B 502 -30.96 -6.93 21.77
CA VAL B 502 -29.95 -7.27 22.77
C VAL B 502 -28.90 -8.18 22.15
N TRP B 503 -27.63 -7.81 22.30
CA TRP B 503 -26.54 -8.54 21.66
C TRP B 503 -25.67 -9.20 22.70
N PRO B 504 -25.45 -10.51 22.62
CA PRO B 504 -24.52 -11.16 23.55
C PRO B 504 -23.12 -10.55 23.58
N HIS B 505 -22.46 -10.32 22.43
CA HIS B 505 -21.10 -9.77 22.46
C HIS B 505 -21.07 -8.40 23.09
N ASP B 506 -22.06 -7.56 22.76
CA ASP B 506 -22.17 -6.21 23.30
C ASP B 506 -22.24 -6.23 24.82
N ASN B 507 -22.83 -7.28 25.40
CA ASN B 507 -22.92 -7.33 26.86
C ASN B 507 -21.58 -7.68 27.49
N ALA B 508 -20.87 -8.65 26.92
CA ALA B 508 -19.52 -8.98 27.37
C ALA B 508 -18.56 -7.79 27.27
N LEU B 509 -18.57 -7.06 26.16
CA LEU B 509 -17.68 -5.91 26.06
C LEU B 509 -17.94 -4.92 27.18
N ILE B 510 -19.21 -4.68 27.49
CA ILE B 510 -19.57 -3.92 28.68
C ILE B 510 -19.23 -4.72 29.94
N ALA B 511 -19.41 -6.04 29.90
CA ALA B 511 -19.19 -6.85 31.11
C ALA B 511 -17.71 -6.90 31.50
N LEU B 512 -16.80 -6.93 30.51
CA LEU B 512 -15.38 -6.92 30.86
C LEU B 512 -14.98 -5.56 31.40
N GLY B 513 -15.61 -4.50 30.89
CA GLY B 513 -15.36 -3.17 31.38
C GLY B 513 -15.88 -2.90 32.79
N LEU B 514 -16.99 -3.56 33.18
CA LEU B 514 -17.44 -3.46 34.57
C LEU B 514 -16.48 -4.20 35.49
N ALA B 515 -15.91 -5.31 35.02
CA ALA B 515 -14.88 -5.99 35.78
C ALA B 515 -13.55 -5.24 35.76
N ARG B 516 -13.32 -4.37 34.77
CA ARG B 516 -12.09 -3.58 34.81
C ARG B 516 -12.14 -2.51 35.89
N ILE B 517 -13.34 -1.98 36.20
CA ILE B 517 -13.47 -0.97 37.25
C ILE B 517 -13.82 -1.59 38.59
N GLY B 518 -13.57 -2.89 38.73
CA GLY B 518 -13.77 -3.59 39.98
C GLY B 518 -15.21 -3.99 40.29
N ARG B 519 -16.16 -3.73 39.39
CA ARG B 519 -17.56 -4.08 39.63
C ARG B 519 -17.91 -5.47 39.07
N THR B 520 -17.20 -6.45 39.62
CA THR B 520 -17.42 -7.84 39.27
C THR B 520 -18.88 -8.27 39.45
N ASP B 521 -19.63 -7.58 40.31
CA ASP B 521 -21.03 -7.94 40.56
C ASP B 521 -21.92 -7.55 39.40
N MET B 522 -21.57 -6.50 38.67
CA MET B 522 -22.44 -6.10 37.57
C MET B 522 -22.15 -6.86 36.28
N ALA B 523 -20.92 -7.34 36.09
CA ALA B 523 -20.66 -8.19 34.94
C ALA B 523 -21.44 -9.50 35.06
N LYS B 524 -21.61 -10.00 36.30
CA LYS B 524 -22.25 -11.30 36.49
C LYS B 524 -23.76 -11.23 36.40
N ALA B 525 -24.35 -10.17 36.96
CA ALA B 525 -25.72 -9.81 36.62
C ALA B 525 -25.91 -9.88 35.10
N LEU B 526 -25.05 -9.16 34.38
CA LEU B 526 -25.04 -9.23 32.92
C LEU B 526 -24.90 -10.66 32.46
N MET B 527 -23.91 -11.38 33.00
CA MET B 527 -23.70 -12.76 32.59
C MET B 527 -24.97 -13.58 32.73
N ASP B 528 -25.50 -13.65 33.96
CA ASP B 528 -26.71 -14.40 34.25
C ASP B 528 -27.87 -14.04 33.32
N ALA B 529 -27.92 -12.79 32.86
CA ALA B 529 -29.03 -12.36 32.04
C ALA B 529 -29.00 -13.01 30.66
N VAL B 530 -27.84 -13.04 29.98
CA VAL B 530 -27.88 -13.66 28.67
C VAL B 530 -27.74 -15.18 28.80
N PHE B 531 -27.11 -15.65 29.87
CA PHE B 531 -27.20 -17.07 30.16
C PHE B 531 -28.64 -17.52 30.38
N ASP B 532 -29.47 -16.66 30.97
CA ASP B 532 -30.89 -16.98 31.14
C ASP B 532 -31.58 -17.13 29.80
N ALA B 533 -31.31 -16.20 28.88
CA ALA B 533 -31.79 -16.38 27.50
C ALA B 533 -31.26 -17.67 26.90
N ALA B 534 -30.02 -18.03 27.24
CA ALA B 534 -29.39 -19.19 26.63
C ALA B 534 -30.08 -20.49 27.02
N LYS B 535 -30.57 -20.60 28.27
CA LYS B 535 -31.15 -21.88 28.73
C LYS B 535 -32.52 -22.15 28.14
N LEU B 536 -33.18 -21.13 27.59
CA LEU B 536 -34.47 -21.25 26.93
C LEU B 536 -34.38 -21.31 25.41
N LEU B 537 -33.45 -20.55 24.80
CA LEU B 537 -33.22 -20.60 23.36
C LEU B 537 -32.76 -22.00 22.92
N PRO B 538 -33.05 -22.40 21.68
CA PRO B 538 -32.80 -23.80 21.27
C PRO B 538 -31.32 -24.17 21.20
N GLU B 539 -31.04 -25.40 21.67
CA GLU B 539 -29.70 -26.00 21.86
C GLU B 539 -28.77 -25.13 22.71
N ARG B 540 -29.34 -24.16 23.43
CA ARG B 540 -28.61 -23.26 24.31
C ARG B 540 -27.62 -22.40 23.55
N GLU B 541 -27.95 -22.07 22.31
CA GLU B 541 -27.02 -21.45 21.38
C GLU B 541 -27.28 -19.95 21.35
N LEU B 542 -26.23 -19.15 21.52
CA LEU B 542 -26.37 -17.70 21.54
C LEU B 542 -26.21 -17.14 20.12
N PRO B 543 -27.26 -16.59 19.51
CA PRO B 543 -27.13 -16.02 18.18
C PRO B 543 -26.72 -14.54 18.21
N GLU B 544 -26.55 -13.98 17.02
CA GLU B 544 -26.04 -12.63 16.84
C GLU B 544 -26.78 -11.62 17.71
N LEU B 545 -28.08 -11.76 17.85
CA LEU B 545 -28.91 -10.85 18.60
C LEU B 545 -30.29 -11.48 18.77
N TYR B 546 -31.02 -10.95 19.75
CA TYR B 546 -32.43 -11.24 19.92
C TYR B 546 -33.11 -9.97 20.42
N SER B 547 -34.39 -10.11 20.75
CA SER B 547 -35.23 -8.97 21.13
C SER B 547 -34.73 -8.32 22.41
N GLY B 548 -34.97 -7.01 22.50
CA GLY B 548 -34.87 -6.28 23.75
C GLY B 548 -36.19 -6.16 24.49
N LEU B 549 -37.07 -7.13 24.26
CA LEU B 549 -38.19 -7.30 25.15
C LEU B 549 -37.71 -7.91 26.44
N ASN B 550 -38.51 -7.75 27.49
CA ASN B 550 -38.33 -8.55 28.68
C ASN B 550 -39.10 -9.85 28.62
N GLU B 551 -39.61 -10.20 27.46
CA GLU B 551 -39.90 -11.57 27.08
C GLU B 551 -38.90 -12.02 26.03
N LEU B 552 -38.41 -13.26 26.15
CA LEU B 552 -37.37 -13.76 25.25
C LEU B 552 -37.98 -14.13 23.90
N VAL B 553 -37.74 -13.27 22.91
CA VAL B 553 -38.29 -13.43 21.58
C VAL B 553 -37.14 -13.38 20.58
N PRO B 554 -37.04 -14.30 19.64
CA PRO B 554 -35.92 -14.26 18.71
C PRO B 554 -36.09 -13.11 17.74
N VAL B 555 -34.98 -12.66 17.18
CA VAL B 555 -34.98 -11.84 15.99
C VAL B 555 -34.71 -12.78 14.82
N PRO B 556 -35.60 -12.88 13.82
CA PRO B 556 -35.36 -13.84 12.72
C PRO B 556 -34.18 -13.48 11.79
N ARG B 557 -33.69 -12.23 11.81
CA ARG B 557 -32.52 -11.88 11.01
C ARG B 557 -31.22 -12.41 11.64
N ALA B 558 -31.29 -12.80 12.90
CA ALA B 558 -30.10 -13.19 13.66
C ALA B 558 -29.38 -14.37 13.01
N ASN B 559 -28.05 -14.25 12.90
CA ASN B 559 -27.24 -15.39 12.49
C ASN B 559 -26.98 -16.27 13.72
N SER B 560 -26.95 -17.58 13.50
CA SER B 560 -26.65 -18.60 14.51
C SER B 560 -26.26 -19.89 13.80
N PRO B 561 -25.01 -20.36 13.93
CA PRO B 561 -23.97 -19.89 14.87
C PRO B 561 -23.30 -18.57 14.53
N GLN B 562 -22.90 -17.82 15.55
CA GLN B 562 -22.23 -16.53 15.36
C GLN B 562 -21.02 -16.45 16.29
N ALA B 563 -19.92 -15.88 15.78
CA ALA B 563 -18.63 -15.90 16.48
C ALA B 563 -18.58 -15.09 17.78
N TRP B 564 -18.67 -13.77 17.64
CA TRP B 564 -18.59 -12.85 18.77
C TRP B 564 -19.70 -13.08 19.76
N SER B 565 -20.77 -13.78 19.33
CA SER B 565 -21.86 -14.09 20.24
C SER B 565 -21.59 -15.37 21.02
N SER B 566 -21.19 -16.45 20.32
CA SER B 566 -20.88 -17.70 21.01
C SER B 566 -19.60 -17.63 21.84
N ALA B 567 -18.67 -16.74 21.49
CA ALA B 567 -17.47 -16.58 22.28
C ALA B 567 -17.70 -15.70 23.48
N SER B 568 -18.82 -14.97 23.49
CA SER B 568 -19.07 -14.04 24.59
C SER B 568 -19.18 -14.75 25.91
N VAL B 569 -19.46 -16.06 25.92
CA VAL B 569 -19.67 -16.73 27.22
C VAL B 569 -18.36 -16.87 27.94
N PHE B 570 -17.25 -16.94 27.21
CA PHE B 570 -15.97 -17.02 27.87
C PHE B 570 -15.60 -15.67 28.47
N ALA B 571 -15.79 -14.60 27.71
CA ALA B 571 -15.54 -13.30 28.31
C ALA B 571 -16.45 -13.03 29.49
N PHE B 572 -17.62 -13.71 29.58
CA PHE B 572 -18.55 -13.52 30.70
C PHE B 572 -18.03 -14.18 31.98
N VAL B 573 -17.53 -15.42 31.88
CA VAL B 573 -16.91 -16.02 33.06
C VAL B 573 -15.66 -15.24 33.46
N THR B 574 -14.79 -14.93 32.48
CA THR B 574 -13.67 -14.01 32.68
C THR B 574 -14.09 -12.76 33.42
N ALA B 575 -15.19 -12.14 32.99
CA ALA B 575 -15.68 -10.93 33.65
C ALA B 575 -16.20 -11.27 35.04
N SER B 576 -17.00 -12.33 35.15
CA SER B 576 -17.60 -12.61 36.45
C SER B 576 -16.58 -13.17 37.45
N LEU B 577 -15.47 -13.75 36.97
CA LEU B 577 -14.39 -14.17 37.86
C LEU B 577 -13.38 -13.06 38.11
N GLY B 578 -13.68 -11.84 37.66
CA GLY B 578 -12.73 -10.71 37.70
C GLY B 578 -11.31 -11.03 37.27
N MET B 579 -11.11 -11.89 36.27
CA MET B 579 -9.77 -12.36 35.91
C MET B 579 -8.95 -11.28 35.22
N GLU B 580 -7.81 -10.93 35.82
CA GLU B 580 -6.85 -10.03 35.20
C GLU B 580 -5.57 -10.80 34.90
N ALA B 581 -4.84 -10.36 33.87
CA ALA B 581 -3.51 -10.87 33.60
C ALA B 581 -2.48 -9.79 33.96
N GLY B 582 -1.39 -10.21 34.62
CA GLY B 582 -0.34 -9.28 35.05
C GLY B 582 1.01 -9.96 35.08
N ASP B 583 1.78 -9.72 36.16
CA ASP B 583 3.01 -10.50 36.37
C ASP B 583 2.66 -11.96 36.63
N GLU B 584 1.55 -12.21 37.31
CA GLU B 584 0.97 -13.54 37.40
C GLU B 584 -0.51 -13.49 37.04
N LEU B 585 -1.22 -14.59 37.28
CA LEU B 585 -2.64 -14.69 37.04
C LEU B 585 -3.40 -14.52 38.35
N THR B 586 -4.34 -13.56 38.38
CA THR B 586 -5.15 -13.28 39.55
C THR B 586 -6.63 -13.45 39.23
N VAL B 587 -7.39 -13.66 40.29
CA VAL B 587 -8.80 -14.01 40.26
C VAL B 587 -9.44 -13.29 41.45
N ARG B 588 -10.41 -12.41 41.19
CA ARG B 588 -11.06 -11.63 42.24
C ARG B 588 -12.57 -11.64 41.98
N PRO B 589 -13.20 -12.79 42.14
CA PRO B 589 -14.55 -13.02 41.60
C PRO B 589 -15.67 -12.41 42.43
N ALA B 590 -16.81 -12.29 41.77
CA ALA B 590 -18.03 -11.82 42.41
C ALA B 590 -18.64 -12.97 43.21
N GLU B 591 -19.69 -12.64 43.95
CA GLU B 591 -20.22 -13.56 44.93
C GLU B 591 -21.05 -14.64 44.28
N GLY B 592 -20.88 -15.86 44.78
CA GLY B 592 -21.69 -16.98 44.36
C GLY B 592 -21.40 -17.49 42.96
N THR B 593 -20.33 -17.03 42.30
CA THR B 593 -19.81 -17.76 41.15
C THR B 593 -19.20 -19.06 41.63
N SER B 594 -19.68 -20.18 41.10
CA SER B 594 -19.04 -21.48 41.30
C SER B 594 -18.60 -21.94 39.90
N ILE B 595 -17.30 -22.05 39.68
CA ILE B 595 -16.79 -22.52 38.40
C ILE B 595 -15.39 -23.08 38.57
N VAL B 596 -15.14 -24.21 37.90
CA VAL B 596 -13.82 -24.81 37.73
C VAL B 596 -13.42 -24.62 36.28
N LEU B 597 -12.23 -24.09 36.05
CA LEU B 597 -11.71 -23.96 34.69
C LEU B 597 -10.46 -24.82 34.55
N ARG B 598 -10.51 -25.81 33.65
CA ARG B 598 -9.38 -26.68 33.34
C ARG B 598 -8.68 -26.26 32.05
N GLY B 599 -7.84 -25.23 32.15
CA GLY B 599 -7.06 -24.86 30.98
C GLY B 599 -6.95 -23.39 30.61
N VAL B 600 -7.03 -22.52 31.61
CA VAL B 600 -6.65 -21.13 31.37
C VAL B 600 -5.17 -21.11 30.97
N SER B 601 -4.84 -20.36 29.93
CA SER B 601 -3.46 -20.22 29.52
C SER B 601 -3.00 -18.80 29.75
N PHE B 602 -1.76 -18.65 30.24
CA PHE B 602 -1.20 -17.36 30.67
C PHE B 602 0.32 -17.45 30.68
N GLY B 603 0.97 -16.48 30.04
CA GLY B 603 2.42 -16.49 29.96
C GLY B 603 3.00 -17.70 29.25
N GLY B 604 2.13 -18.51 28.66
CA GLY B 604 2.54 -19.68 27.92
C GLY B 604 2.25 -21.01 28.58
N ARG B 605 1.67 -21.02 29.78
CA ARG B 605 1.34 -22.27 30.46
C ARG B 605 -0.12 -22.25 30.91
N ARG B 606 -0.66 -23.45 31.16
CA ARG B 606 -2.07 -23.64 31.50
C ARG B 606 -2.22 -23.86 33.01
N TYR B 607 -3.29 -23.29 33.58
CA TYR B 607 -3.60 -23.35 35.01
C TYR B 607 -5.05 -23.78 35.23
N VAL B 608 -5.35 -24.29 36.42
CA VAL B 608 -6.72 -24.61 36.80
C VAL B 608 -7.18 -23.59 37.85
N VAL B 609 -8.20 -22.81 37.52
CA VAL B 609 -8.83 -21.94 38.53
C VAL B 609 -10.08 -22.65 39.05
N VAL B 610 -10.14 -22.77 40.37
CA VAL B 610 -11.30 -23.32 41.07
C VAL B 610 -11.84 -22.20 41.95
N VAL B 611 -13.05 -21.73 41.65
CA VAL B 611 -13.74 -20.74 42.46
C VAL B 611 -14.93 -21.43 43.10
N ASN B 612 -14.80 -21.71 44.39
CA ASN B 612 -15.66 -22.57 45.19
C ASN B 612 -15.83 -21.88 46.54
N GLY B 613 -16.51 -20.71 46.53
CA GLY B 613 -16.58 -19.83 47.68
C GLY B 613 -15.22 -19.47 48.26
N GLY B 614 -14.18 -19.64 47.44
CA GLY B 614 -12.79 -19.58 47.86
C GLY B 614 -11.98 -20.10 46.68
N VAL B 615 -10.88 -19.45 46.36
CA VAL B 615 -10.29 -19.57 45.02
C VAL B 615 -8.91 -20.21 45.10
N SER B 616 -8.71 -21.24 44.28
CA SER B 616 -7.41 -21.84 44.02
C SER B 616 -7.04 -21.66 42.56
N VAL B 617 -5.75 -21.40 42.29
CA VAL B 617 -5.24 -21.41 40.93
C VAL B 617 -3.80 -21.93 40.94
N GLU B 618 -3.60 -23.14 40.42
CA GLU B 618 -2.34 -23.84 40.30
C GLU B 618 -2.13 -24.23 38.84
N PRO B 619 -0.92 -24.66 38.45
CA PRO B 619 -0.70 -25.06 37.04
C PRO B 619 -1.39 -26.38 36.70
N LEU B 620 -1.30 -26.77 35.42
CA LEU B 620 -1.92 -28.03 34.98
C LEU B 620 -0.94 -29.23 34.92
#